data_2P4L
#
_entry.id   2P4L
#
_entity_poly.entity_id   1
_entity_poly.type   'polypeptide(L)'
_entity_poly.pdbx_seq_one_letter_code
;G(HYP)SFCKADEK(HYP)CEYHADCCNCCLSGICA(HYP)STNWILPGCSTSSFFKI
;
_entity_poly.pdbx_strand_id   A
#
# COMPACT_ATOMS: atom_id res chain seq x y z
N GLY A 1 -18.95 -5.39 -8.90
CA GLY A 1 -17.96 -4.41 -8.36
C GLY A 1 -16.57 -5.04 -8.34
N HYP A 2 -15.83 -4.84 -9.40
CA HYP A 2 -14.45 -5.40 -9.50
C HYP A 2 -13.49 -4.66 -8.57
O HYP A 2 -13.71 -3.52 -8.19
CB HYP A 2 -14.09 -5.20 -10.96
CG HYP A 2 -14.92 -4.04 -11.41
CD HYP A 2 -16.19 -4.08 -10.60
OD1 HYP A 2 -15.20 -4.11 -12.82
HA HYP A 2 -14.46 -6.46 -9.26
HB2 HYP A 2 -13.03 -4.97 -11.05
HB3 HYP A 2 -14.32 -6.08 -11.54
HG HYP A 2 -14.40 -3.12 -11.19
HD22 HYP A 2 -16.96 -4.59 -11.14
HD23 HYP A 2 -16.49 -3.08 -10.34
HD1 HYP A 2 -15.18 -3.22 -13.19
N SER A 3 -12.40 -5.29 -8.21
CA SER A 3 -11.42 -4.63 -7.30
C SER A 3 -10.78 -3.44 -8.03
N PHE A 4 -10.98 -2.23 -7.54
CA PHE A 4 -10.37 -1.04 -8.20
C PHE A 4 -9.26 -0.45 -7.31
N CYS A 5 -8.15 -0.08 -7.89
CA CYS A 5 -7.02 0.50 -7.08
C CYS A 5 -5.83 0.84 -7.99
N LYS A 6 -4.84 1.52 -7.48
CA LYS A 6 -3.65 1.89 -8.29
C LYS A 6 -2.68 0.71 -8.34
N ALA A 7 -1.69 0.77 -9.19
CA ALA A 7 -0.72 -0.37 -9.30
C ALA A 7 0.57 -0.07 -8.53
N ASP A 8 1.49 -1.00 -8.52
CA ASP A 8 2.78 -0.80 -7.79
C ASP A 8 3.62 0.29 -8.48
N GLU A 9 4.82 0.52 -7.98
CA GLU A 9 5.72 1.58 -8.56
C GLU A 9 5.16 2.98 -8.30
N LYS A 10 3.93 3.23 -8.66
CA LYS A 10 3.31 4.57 -8.45
C LYS A 10 2.76 4.69 -7.02
N HYP A 11 3.51 5.39 -6.18
CA HYP A 11 3.11 5.55 -4.76
C HYP A 11 1.84 6.40 -4.61
O HYP A 11 1.25 6.82 -5.59
CB HYP A 11 4.30 6.27 -4.14
CG HYP A 11 4.96 6.99 -5.28
CD HYP A 11 4.76 6.09 -6.47
OD1 HYP A 11 4.40 8.27 -5.50
HA HYP A 11 2.99 4.59 -4.29
HB2 HYP A 11 3.96 6.98 -3.40
HB3 HYP A 11 4.98 5.57 -3.71
HG HYP A 11 6.01 7.05 -5.08
HD22 HYP A 11 5.57 5.38 -6.55
HD23 HYP A 11 4.67 6.67 -7.38
HD1 HYP A 11 3.45 8.22 -5.68
N CYS A 12 1.42 6.64 -3.40
CA CYS A 12 0.18 7.45 -3.17
C CYS A 12 0.32 8.34 -1.93
N GLU A 13 -0.72 9.08 -1.60
CA GLU A 13 -0.66 9.96 -0.39
C GLU A 13 -0.96 9.11 0.85
N TYR A 14 -2.01 8.33 0.81
CA TYR A 14 -2.37 7.47 1.97
C TYR A 14 -1.73 6.09 1.80
N HIS A 15 -2.49 5.04 1.92
CA HIS A 15 -1.91 3.66 1.75
C HIS A 15 -2.86 2.71 1.01
N ALA A 16 -4.11 3.07 0.83
CA ALA A 16 -5.07 2.15 0.13
C ALA A 16 -5.21 2.51 -1.36
N ASP A 17 -4.63 3.60 -1.81
CA ASP A 17 -4.77 3.96 -3.27
C ASP A 17 -4.34 2.77 -4.13
N CYS A 18 -3.26 2.15 -3.77
CA CYS A 18 -2.74 0.98 -4.55
C CYS A 18 -3.49 -0.30 -4.17
N CYS A 19 -3.54 -1.27 -5.05
CA CYS A 19 -4.21 -2.55 -4.71
C CYS A 19 -3.54 -3.22 -3.50
N ASN A 20 -2.42 -2.70 -3.05
CA ASN A 20 -1.73 -3.31 -1.88
C ASN A 20 -1.19 -2.21 -0.96
N CYS A 21 -0.06 -1.61 -1.29
CA CYS A 21 0.52 -0.53 -0.42
C CYS A 21 1.17 0.55 -1.29
N CYS A 22 1.16 1.79 -0.87
CA CYS A 22 1.78 2.86 -1.70
C CYS A 22 2.44 3.93 -0.81
N LEU A 23 3.65 3.68 -0.36
CA LEU A 23 4.34 4.69 0.51
C LEU A 23 4.93 5.79 -0.36
N SER A 24 5.23 6.92 0.23
CA SER A 24 5.82 8.07 -0.53
C SER A 24 6.94 7.57 -1.44
N GLY A 25 7.77 6.70 -0.96
CA GLY A 25 8.89 6.17 -1.79
C GLY A 25 8.32 5.58 -3.10
N ILE A 26 7.39 4.66 -3.00
CA ILE A 26 6.79 4.04 -4.23
C ILE A 26 5.67 3.06 -3.83
N CYS A 27 4.89 2.62 -4.78
CA CYS A 27 3.81 1.64 -4.46
C CYS A 27 4.38 0.21 -4.50
N ALA A 28 3.90 -0.62 -3.62
CA ALA A 28 4.38 -2.04 -3.56
C ALA A 28 3.21 -3.01 -3.35
N HYP A 29 3.38 -4.21 -3.87
CA HYP A 29 2.34 -5.26 -3.75
C HYP A 29 2.22 -5.75 -2.30
O HYP A 29 3.03 -5.42 -1.45
CB HYP A 29 2.84 -6.37 -4.68
CG HYP A 29 4.32 -6.18 -4.77
CD HYP A 29 4.56 -4.69 -4.62
OD1 HYP A 29 4.80 -6.70 -6.02
HA HYP A 29 1.39 -4.89 -4.11
HB2 HYP A 29 2.61 -7.34 -4.26
HB3 HYP A 29 2.39 -6.27 -5.65
HG HYP A 29 4.79 -6.69 -3.95
HD22 HYP A 29 4.61 -4.20 -5.58
HD23 HYP A 29 5.47 -4.52 -4.05
HD1 HYP A 29 5.66 -6.32 -6.25
N SER A 30 1.21 -6.53 -2.01
CA SER A 30 1.03 -7.04 -0.61
C SER A 30 1.83 -8.32 -0.37
N THR A 31 2.38 -8.91 -1.40
CA THR A 31 3.17 -10.16 -1.21
C THR A 31 4.57 -9.80 -0.69
N ASN A 32 4.70 -9.64 0.59
CA ASN A 32 6.02 -9.29 1.18
C ASN A 32 6.40 -10.30 2.27
N TRP A 33 7.51 -10.11 2.93
CA TRP A 33 7.92 -11.09 3.99
C TRP A 33 8.47 -10.39 5.23
N ILE A 34 9.66 -9.85 5.16
CA ILE A 34 10.24 -9.15 6.36
C ILE A 34 10.17 -7.62 6.22
N LEU A 35 9.50 -7.12 5.21
CA LEU A 35 9.42 -5.64 5.03
C LEU A 35 8.11 -5.09 5.64
N PRO A 36 8.25 -4.41 6.75
CA PRO A 36 7.06 -3.82 7.43
C PRO A 36 6.66 -2.50 6.77
N GLY A 37 5.45 -2.04 6.99
CA GLY A 37 5.01 -0.76 6.36
C GLY A 37 3.48 -0.63 6.41
N CYS A 38 2.76 -1.66 6.07
CA CYS A 38 1.27 -1.57 6.08
C CYS A 38 0.69 -2.27 7.31
N SER A 39 0.19 -1.52 8.26
CA SER A 39 -0.42 -2.14 9.48
C SER A 39 -1.83 -1.57 9.70
N THR A 40 -2.75 -1.92 8.83
CA THR A 40 -4.14 -1.38 8.97
C THR A 40 -5.02 -2.34 9.79
N SER A 41 -5.69 -1.83 10.78
CA SER A 41 -6.59 -2.68 11.62
C SER A 41 -7.82 -1.86 12.04
N SER A 42 -8.98 -2.45 12.03
CA SER A 42 -10.22 -1.69 12.42
C SER A 42 -10.31 -1.57 13.95
N PHE A 43 -10.54 -0.38 14.44
CA PHE A 43 -10.66 -0.19 15.92
C PHE A 43 -11.97 -0.79 16.42
N PHE A 44 -12.95 -0.88 15.57
CA PHE A 44 -14.26 -1.47 15.96
C PHE A 44 -14.86 -2.22 14.77
N LYS A 45 -16.12 -2.55 14.83
CA LYS A 45 -16.77 -3.28 13.69
C LYS A 45 -17.27 -2.27 12.64
N ILE A 46 -18.19 -2.68 11.81
CA ILE A 46 -18.73 -1.75 10.75
C ILE A 46 -19.89 -0.92 11.34
N GLY A 1 -11.77 -7.34 -12.11
CA GLY A 1 -11.71 -6.37 -10.97
C GLY A 1 -12.49 -5.10 -11.33
N HYP A 2 -13.56 -4.86 -10.61
CA HYP A 2 -14.40 -3.67 -10.88
C HYP A 2 -13.72 -2.38 -10.37
O HYP A 2 -13.73 -1.36 -11.04
CB HYP A 2 -15.68 -3.94 -10.09
CG HYP A 2 -15.28 -4.88 -8.99
CD HYP A 2 -14.11 -5.67 -9.51
OD1 HYP A 2 -16.36 -5.72 -8.60
HA HYP A 2 -14.63 -3.58 -11.93
HB2 HYP A 2 -16.08 -3.02 -9.68
HB3 HYP A 2 -16.42 -4.41 -10.72
HG HYP A 2 -14.95 -4.29 -8.14
HD22 HYP A 2 -14.43 -6.62 -9.88
HD23 HYP A 2 -13.36 -5.80 -8.73
HD1 HYP A 2 -17.00 -5.22 -8.08
N SER A 3 -13.14 -2.42 -9.20
CA SER A 3 -12.47 -1.20 -8.65
C SER A 3 -11.11 -0.98 -9.32
N PHE A 4 -10.89 0.19 -9.87
CA PHE A 4 -9.58 0.49 -10.54
C PHE A 4 -8.60 1.05 -9.50
N CYS A 5 -7.79 0.21 -8.91
CA CYS A 5 -6.82 0.69 -7.89
C CYS A 5 -5.48 1.05 -8.55
N LYS A 6 -4.58 1.64 -7.80
CA LYS A 6 -3.25 2.00 -8.37
C LYS A 6 -2.37 0.74 -8.40
N ALA A 7 -1.57 0.59 -9.41
CA ALA A 7 -0.69 -0.61 -9.53
C ALA A 7 0.66 -0.35 -8.88
N ASP A 8 1.53 -1.33 -8.89
CA ASP A 8 2.89 -1.16 -8.27
C ASP A 8 3.64 0.01 -8.93
N GLU A 9 4.76 0.41 -8.34
CA GLU A 9 5.58 1.53 -8.90
C GLU A 9 4.93 2.90 -8.61
N LYS A 10 3.71 3.10 -9.00
CA LYS A 10 3.03 4.43 -8.75
C LYS A 10 2.51 4.50 -7.31
N HYP A 11 3.20 5.26 -6.48
CA HYP A 11 2.82 5.37 -5.05
C HYP A 11 1.56 6.22 -4.84
O HYP A 11 0.86 6.57 -5.77
CB HYP A 11 4.04 6.05 -4.41
CG HYP A 11 4.71 6.80 -5.51
CD HYP A 11 4.38 6.08 -6.80
OD1 HYP A 11 4.29 8.16 -5.57
HA HYP A 11 2.69 4.40 -4.61
HB2 HYP A 11 3.71 6.73 -3.64
HB3 HYP A 11 4.70 5.30 -4.01
HG HYP A 11 5.78 6.74 -5.36
HD22 HYP A 11 5.20 5.45 -7.10
HD23 HYP A 11 4.14 6.79 -7.58
HD1 HYP A 11 3.39 8.21 -5.92
N CYS A 12 1.27 6.55 -3.61
CA CYS A 12 0.05 7.37 -3.30
C CYS A 12 0.25 8.18 -2.02
N GLU A 13 -0.79 8.85 -1.55
CA GLU A 13 -0.68 9.67 -0.30
C GLU A 13 -1.00 8.82 0.93
N TYR A 14 -2.09 8.09 0.90
CA TYR A 14 -2.46 7.23 2.07
C TYR A 14 -1.93 5.81 1.84
N HIS A 15 -2.68 4.79 2.19
CA HIS A 15 -2.21 3.40 1.96
C HIS A 15 -3.33 2.56 1.32
N ALA A 16 -4.25 3.19 0.62
CA ALA A 16 -5.37 2.42 -0.02
C ALA A 16 -5.47 2.73 -1.53
N ASP A 17 -4.63 3.60 -2.04
CA ASP A 17 -4.67 3.93 -3.50
C ASP A 17 -4.29 2.69 -4.31
N CYS A 18 -3.29 1.98 -3.87
CA CYS A 18 -2.84 0.75 -4.59
C CYS A 18 -3.63 -0.45 -4.09
N CYS A 19 -3.81 -1.45 -4.90
CA CYS A 19 -4.55 -2.66 -4.43
C CYS A 19 -3.87 -3.29 -3.20
N ASN A 20 -2.66 -2.86 -2.88
CA ASN A 20 -1.96 -3.43 -1.67
C ASN A 20 -1.34 -2.31 -0.85
N CYS A 21 -0.29 -1.69 -1.34
CA CYS A 21 0.37 -0.59 -0.55
C CYS A 21 1.00 0.45 -1.49
N CYS A 22 1.05 1.69 -1.08
CA CYS A 22 1.67 2.74 -1.96
C CYS A 22 2.32 3.83 -1.10
N LEU A 23 3.54 3.63 -0.69
CA LEU A 23 4.22 4.66 0.15
C LEU A 23 4.72 5.79 -0.74
N SER A 24 4.97 6.95 -0.17
CA SER A 24 5.46 8.11 -0.98
C SER A 24 6.59 7.68 -1.92
N GLY A 25 7.40 6.76 -1.50
CA GLY A 25 8.52 6.29 -2.38
C GLY A 25 7.95 5.61 -3.63
N ILE A 26 7.10 4.62 -3.46
CA ILE A 26 6.52 3.91 -4.65
C ILE A 26 5.46 2.89 -4.20
N CYS A 27 4.65 2.41 -5.13
CA CYS A 27 3.61 1.40 -4.76
C CYS A 27 4.25 0.03 -4.54
N ALA A 28 3.71 -0.77 -3.65
CA ALA A 28 4.29 -2.12 -3.40
C ALA A 28 3.17 -3.15 -3.13
N HYP A 29 3.52 -4.41 -3.28
CA HYP A 29 2.54 -5.51 -3.06
C HYP A 29 2.13 -5.63 -1.58
O HYP A 29 2.71 -5.01 -0.71
CB HYP A 29 3.32 -6.76 -3.50
CG HYP A 29 4.75 -6.40 -3.34
CD HYP A 29 4.84 -4.93 -3.65
OD1 HYP A 29 5.59 -7.17 -4.20
HA HYP A 29 1.67 -5.38 -3.68
HB2 HYP A 29 3.06 -7.60 -2.85
HB3 HYP A 29 3.10 -7.00 -4.52
HG HYP A 29 5.04 -6.55 -2.31
HD22 HYP A 29 5.01 -4.77 -4.71
HD23 HYP A 29 5.62 -4.46 -3.07
HD1 HYP A 29 6.46 -6.77 -4.25
N SER A 30 1.13 -6.43 -1.29
CA SER A 30 0.66 -6.60 0.11
C SER A 30 1.67 -7.45 0.93
N THR A 31 2.62 -8.08 0.27
CA THR A 31 3.61 -8.91 1.01
C THR A 31 4.65 -7.99 1.67
N ASN A 32 4.23 -7.25 2.66
CA ASN A 32 5.18 -6.31 3.35
C ASN A 32 5.40 -6.77 4.80
N TRP A 33 5.88 -7.96 4.99
CA TRP A 33 6.10 -8.48 6.37
C TRP A 33 7.41 -7.93 6.98
N ILE A 34 8.47 -8.71 7.06
CA ILE A 34 9.76 -8.20 7.66
C ILE A 34 10.29 -6.95 6.94
N LEU A 35 9.76 -6.62 5.79
CA LEU A 35 10.24 -5.40 5.06
C LEU A 35 9.50 -4.16 5.56
N PRO A 36 10.23 -3.09 5.77
CA PRO A 36 9.63 -1.83 6.25
C PRO A 36 8.73 -1.20 5.17
N GLY A 37 7.46 -1.11 5.44
CA GLY A 37 6.52 -0.52 4.44
C GLY A 37 5.12 -0.38 5.05
N CYS A 38 4.38 -1.46 5.13
CA CYS A 38 3.00 -1.37 5.71
C CYS A 38 2.89 -2.16 7.03
N SER A 39 3.87 -2.95 7.39
CA SER A 39 3.77 -3.72 8.68
C SER A 39 4.22 -2.84 9.85
N THR A 40 3.39 -1.94 10.29
CA THR A 40 3.77 -1.06 11.45
C THR A 40 3.73 -1.85 12.76
N SER A 41 2.88 -2.85 12.84
CA SER A 41 2.80 -3.67 14.09
C SER A 41 3.21 -5.12 13.80
N SER A 42 3.88 -5.75 14.72
CA SER A 42 4.31 -7.16 14.50
C SER A 42 3.54 -8.11 15.43
N PHE A 43 3.32 -9.33 15.01
CA PHE A 43 2.58 -10.30 15.87
C PHE A 43 3.56 -11.06 16.77
N PHE A 44 4.08 -10.41 17.79
CA PHE A 44 5.05 -11.09 18.70
C PHE A 44 4.67 -10.84 20.16
N LYS A 45 4.05 -11.81 20.79
CA LYS A 45 3.64 -11.64 22.22
C LYS A 45 4.25 -12.77 23.06
N ILE A 46 4.36 -12.58 24.34
CA ILE A 46 4.93 -13.63 25.22
C ILE A 46 3.85 -14.68 25.52
N GLY A 1 -18.64 -3.70 -1.90
CA GLY A 1 -18.34 -2.89 -3.12
C GLY A 1 -16.83 -2.90 -3.38
N HYP A 2 -16.49 -3.04 -4.62
CA HYP A 2 -15.06 -3.07 -5.03
C HYP A 2 -14.43 -1.68 -4.88
O HYP A 2 -14.99 -0.80 -4.26
CB HYP A 2 -15.11 -3.49 -6.50
CG HYP A 2 -16.47 -3.07 -6.97
CD HYP A 2 -17.38 -3.18 -5.78
OD1 HYP A 2 -16.92 -3.88 -8.05
HA HYP A 2 -14.51 -3.80 -4.46
HB2 HYP A 2 -14.34 -2.98 -7.06
HB3 HYP A 2 -15.00 -4.55 -6.59
HG HYP A 2 -16.43 -2.04 -7.28
HD22 HYP A 2 -17.86 -4.15 -5.76
HD23 HYP A 2 -18.12 -2.39 -5.79
HD1 HYP A 2 -17.62 -3.43 -8.52
N SER A 3 -13.26 -1.49 -5.43
CA SER A 3 -12.61 -0.15 -5.32
C SER A 3 -11.47 -0.04 -6.34
N PHE A 4 -11.70 0.63 -7.44
CA PHE A 4 -10.64 0.78 -8.46
C PHE A 4 -9.29 1.06 -7.80
N CYS A 5 -8.42 0.09 -7.76
CA CYS A 5 -7.09 0.30 -7.13
C CYS A 5 -6.05 0.71 -8.17
N LYS A 6 -5.03 1.40 -7.77
CA LYS A 6 -3.99 1.83 -8.75
C LYS A 6 -2.99 0.69 -8.99
N ALA A 7 -1.90 0.96 -9.66
CA ALA A 7 -0.90 -0.11 -9.94
C ALA A 7 0.37 0.11 -9.12
N ASP A 8 1.24 -0.85 -9.08
CA ASP A 8 2.51 -0.69 -8.31
C ASP A 8 3.35 0.45 -8.87
N GLU A 9 4.52 0.66 -8.33
CA GLU A 9 5.41 1.75 -8.83
C GLU A 9 4.88 3.12 -8.43
N LYS A 10 3.64 3.39 -8.73
CA LYS A 10 3.04 4.72 -8.40
C LYS A 10 2.55 4.73 -6.95
N HYP A 11 3.30 5.39 -6.10
CA HYP A 11 2.96 5.47 -4.66
C HYP A 11 1.76 6.40 -4.43
O HYP A 11 1.20 6.94 -5.37
CB HYP A 11 4.21 6.06 -4.03
CG HYP A 11 4.90 6.83 -5.13
CD HYP A 11 4.53 6.12 -6.42
OD1 HYP A 11 4.48 8.19 -5.17
HA HYP A 11 2.77 4.49 -4.26
HB2 HYP A 11 3.96 6.73 -3.23
HB3 HYP A 11 4.86 5.28 -3.68
HG HYP A 11 5.96 6.76 -4.98
HD22 HYP A 11 5.32 5.42 -6.69
HD23 HYP A 11 4.37 6.83 -7.22
HD1 HYP A 11 3.52 8.23 -5.21
N CYS A 12 1.37 6.59 -3.21
CA CYS A 12 0.21 7.48 -2.92
C CYS A 12 0.46 8.27 -1.63
N GLU A 13 -0.59 8.79 -1.04
CA GLU A 13 -0.43 9.56 0.23
C GLU A 13 -0.97 8.73 1.40
N TYR A 14 -1.96 7.92 1.14
CA TYR A 14 -2.55 7.08 2.22
C TYR A 14 -1.94 5.66 2.17
N HIS A 15 -2.72 4.66 1.85
CA HIS A 15 -2.19 3.28 1.80
C HIS A 15 -3.13 2.36 1.01
N ALA A 16 -3.97 2.92 0.18
CA ALA A 16 -4.91 2.06 -0.60
C ALA A 16 -4.97 2.53 -2.06
N ASP A 17 -4.21 3.51 -2.42
CA ASP A 17 -4.24 4.01 -3.82
C ASP A 17 -4.11 2.83 -4.79
N CYS A 18 -3.14 1.98 -4.58
CA CYS A 18 -2.95 0.81 -5.48
C CYS A 18 -3.75 -0.39 -4.97
N CYS A 19 -3.64 -1.51 -5.64
CA CYS A 19 -4.40 -2.72 -5.20
C CYS A 19 -3.72 -3.34 -3.97
N ASN A 20 -2.78 -2.65 -3.38
CA ASN A 20 -2.10 -3.21 -2.18
C ASN A 20 -1.63 -2.08 -1.26
N CYS A 21 -0.49 -1.49 -1.54
CA CYS A 21 0.02 -0.39 -0.68
C CYS A 21 0.62 0.72 -1.56
N CYS A 22 0.88 1.86 -0.99
CA CYS A 22 1.46 2.98 -1.79
C CYS A 22 2.33 3.87 -0.90
N LEU A 23 3.56 3.49 -0.67
CA LEU A 23 4.45 4.30 0.20
C LEU A 23 5.02 5.51 -0.57
N SER A 24 5.28 6.58 0.11
CA SER A 24 5.82 7.79 -0.58
C SER A 24 6.87 7.39 -1.61
N GLY A 25 7.71 6.45 -1.28
CA GLY A 25 8.76 6.02 -2.24
C GLY A 25 8.10 5.49 -3.50
N ILE A 26 7.21 4.54 -3.36
CA ILE A 26 6.52 3.97 -4.56
C ILE A 26 5.45 2.97 -4.11
N CYS A 27 4.58 2.57 -5.00
CA CYS A 27 3.53 1.59 -4.62
C CYS A 27 4.09 0.17 -4.64
N ALA A 28 3.69 -0.64 -3.70
CA ALA A 28 4.21 -2.04 -3.66
C ALA A 28 3.27 -2.91 -2.82
N HYP A 29 3.54 -4.19 -2.83
CA HYP A 29 2.73 -5.15 -2.05
C HYP A 29 2.98 -4.98 -0.55
O HYP A 29 3.57 -4.01 -0.12
CB HYP A 29 3.22 -6.51 -2.53
CG HYP A 29 4.61 -6.27 -3.01
CD HYP A 29 4.64 -4.85 -3.53
OD1 HYP A 29 4.99 -7.21 -4.03
HA HYP A 29 1.68 -5.03 -2.28
HB2 HYP A 29 3.23 -7.22 -1.71
HB3 HYP A 29 2.61 -6.88 -3.34
HG HYP A 29 5.29 -6.35 -2.18
HD22 HYP A 29 4.46 -4.84 -4.60
HD23 HYP A 29 5.59 -4.39 -3.30
HD1 HYP A 29 4.55 -8.05 -3.87
N SER A 30 2.54 -5.91 0.25
CA SER A 30 2.76 -5.79 1.72
C SER A 30 3.81 -6.80 2.18
N THR A 31 3.72 -8.01 1.72
CA THR A 31 4.71 -9.05 2.14
C THR A 31 4.73 -10.22 1.15
N ASN A 32 3.72 -10.35 0.33
CA ASN A 32 3.71 -11.49 -0.64
C ASN A 32 2.76 -11.21 -1.81
N TRP A 33 1.56 -11.74 -1.76
CA TRP A 33 0.61 -11.52 -2.88
C TRP A 33 -0.07 -10.14 -2.79
N ILE A 34 -1.29 -10.08 -2.36
CA ILE A 34 -1.97 -8.75 -2.28
C ILE A 34 -2.30 -8.35 -0.84
N LEU A 35 -2.23 -9.27 0.06
CA LEU A 35 -2.54 -8.94 1.49
C LEU A 35 -1.95 -7.57 1.84
N PRO A 36 -2.83 -6.61 1.95
CA PRO A 36 -2.40 -5.22 2.28
C PRO A 36 -1.97 -5.12 3.74
N GLY A 37 -1.74 -3.93 4.21
CA GLY A 37 -1.31 -3.76 5.63
C GLY A 37 0.21 -3.58 5.68
N CYS A 38 0.69 -2.45 5.23
CA CYS A 38 2.16 -2.21 5.25
C CYS A 38 2.52 -1.22 6.36
N SER A 39 3.78 -0.96 6.55
CA SER A 39 4.19 0.00 7.63
C SER A 39 4.06 1.44 7.14
N THR A 40 4.22 2.39 8.02
CA THR A 40 4.10 3.82 7.59
C THR A 40 4.54 4.74 8.74
N SER A 41 5.81 4.78 9.02
CA SER A 41 6.30 5.66 10.12
C SER A 41 5.70 7.06 9.99
N SER A 42 5.90 7.90 10.97
CA SER A 42 5.34 9.28 10.90
C SER A 42 6.35 10.23 10.25
N PHE A 43 6.33 11.48 10.63
CA PHE A 43 7.30 12.45 10.05
C PHE A 43 7.91 13.32 11.16
N PHE A 44 7.56 13.07 12.39
CA PHE A 44 8.13 13.88 13.50
C PHE A 44 9.41 13.23 14.02
N LYS A 45 10.51 13.93 13.94
CA LYS A 45 11.80 13.36 14.43
C LYS A 45 12.62 14.42 15.17
N ILE A 46 13.75 14.07 15.70
CA ILE A 46 14.59 15.06 16.43
C ILE A 46 15.82 15.42 15.60
N GLY A 1 -11.96 -7.32 -1.18
CA GLY A 1 -12.86 -6.25 -1.69
C GLY A 1 -12.62 -6.06 -3.19
N HYP A 2 -13.58 -6.48 -3.98
CA HYP A 2 -13.46 -6.36 -5.46
C HYP A 2 -13.68 -4.91 -5.90
O HYP A 2 -14.77 -4.54 -6.30
CB HYP A 2 -14.56 -7.27 -5.99
CG HYP A 2 -15.59 -7.35 -4.89
CD HYP A 2 -14.85 -7.12 -3.59
OD1 HYP A 2 -16.26 -8.61 -4.90
HA HYP A 2 -12.50 -6.72 -5.79
HB2 HYP A 2 -15.00 -6.85 -6.88
HB3 HYP A 2 -14.17 -8.26 -6.18
HG HYP A 2 -16.30 -6.54 -5.03
HD22 HYP A 2 -14.65 -8.06 -3.11
HD23 HYP A 2 -15.41 -6.46 -2.95
HD1 HYP A 2 -16.98 -8.59 -4.25
N SER A 3 -12.67 -4.09 -5.84
CA SER A 3 -12.82 -2.67 -6.26
C SER A 3 -11.59 -2.22 -7.07
N PHE A 4 -11.70 -1.15 -7.80
CA PHE A 4 -10.52 -0.68 -8.61
C PHE A 4 -9.42 -0.15 -7.69
N CYS A 5 -8.25 0.10 -8.22
CA CYS A 5 -7.13 0.62 -7.37
C CYS A 5 -5.89 0.89 -8.24
N LYS A 6 -4.85 1.41 -7.64
CA LYS A 6 -3.59 1.70 -8.39
C LYS A 6 -2.69 0.46 -8.35
N ALA A 7 -1.67 0.42 -9.17
CA ALA A 7 -0.76 -0.77 -9.20
C ALA A 7 0.59 -0.43 -8.53
N ASP A 8 1.48 -1.38 -8.53
CA ASP A 8 2.83 -1.15 -7.90
C ASP A 8 3.55 0.00 -8.61
N GLU A 9 4.74 0.32 -8.16
CA GLU A 9 5.57 1.43 -8.77
C GLU A 9 4.94 2.80 -8.51
N LYS A 10 3.71 3.01 -8.90
CA LYS A 10 3.05 4.34 -8.67
C LYS A 10 2.49 4.42 -7.25
N HYP A 11 3.17 5.17 -6.41
CA HYP A 11 2.78 5.31 -4.98
C HYP A 11 1.54 6.18 -4.78
O HYP A 11 0.86 6.56 -5.73
CB HYP A 11 4.00 5.98 -4.35
CG HYP A 11 4.68 6.72 -5.46
CD HYP A 11 4.37 5.97 -6.72
OD1 HYP A 11 4.25 8.08 -5.55
HA HYP A 11 2.64 4.34 -4.54
HB2 HYP A 11 3.68 6.66 -3.58
HB3 HYP A 11 4.65 5.23 -3.94
HG HYP A 11 5.75 6.68 -5.29
HD22 HYP A 11 5.19 5.33 -6.99
HD23 HYP A 11 4.16 6.67 -7.53
HD1 HYP A 11 4.32 8.51 -4.68
N CYS A 12 1.24 6.50 -3.54
CA CYS A 12 0.04 7.36 -3.27
C CYS A 12 0.28 8.21 -2.00
N GLU A 13 -0.72 8.94 -1.57
CA GLU A 13 -0.59 9.79 -0.35
C GLU A 13 -0.92 8.96 0.91
N TYR A 14 -1.99 8.20 0.88
CA TYR A 14 -2.36 7.37 2.07
C TYR A 14 -1.84 5.94 1.89
N HIS A 15 -2.65 4.94 2.17
CA HIS A 15 -2.17 3.54 2.02
C HIS A 15 -3.21 2.67 1.28
N ALA A 16 -4.23 3.24 0.68
CA ALA A 16 -5.25 2.39 -0.02
C ALA A 16 -5.38 2.74 -1.51
N ASP A 17 -4.50 3.55 -2.05
CA ASP A 17 -4.60 3.89 -3.50
C ASP A 17 -4.33 2.64 -4.35
N CYS A 18 -3.33 1.88 -3.99
CA CYS A 18 -3.02 0.64 -4.76
C CYS A 18 -3.73 -0.55 -4.13
N CYS A 19 -3.81 -1.65 -4.82
CA CYS A 19 -4.48 -2.86 -4.21
C CYS A 19 -3.53 -3.58 -3.25
N ASN A 20 -2.67 -2.86 -2.58
CA ASN A 20 -1.69 -3.49 -1.64
C ASN A 20 -1.12 -2.43 -0.70
N CYS A 21 -0.13 -1.68 -1.15
CA CYS A 21 0.49 -0.62 -0.30
C CYS A 21 1.04 0.50 -1.20
N CYS A 22 0.75 1.74 -0.92
CA CYS A 22 1.28 2.84 -1.78
C CYS A 22 2.05 3.88 -0.96
N LEU A 23 3.29 3.61 -0.64
CA LEU A 23 4.07 4.60 0.15
C LEU A 23 4.53 5.73 -0.75
N SER A 24 4.61 6.93 -0.24
CA SER A 24 5.04 8.11 -1.06
C SER A 24 6.19 7.74 -2.02
N GLY A 25 7.13 6.96 -1.57
CA GLY A 25 8.27 6.55 -2.43
C GLY A 25 7.76 5.77 -3.64
N ILE A 26 6.98 4.73 -3.42
CA ILE A 26 6.46 3.92 -4.57
C ILE A 26 5.37 2.94 -4.09
N CYS A 27 4.57 2.42 -4.98
CA CYS A 27 3.52 1.43 -4.55
C CYS A 27 4.12 0.02 -4.51
N ALA A 28 3.77 -0.75 -3.51
CA ALA A 28 4.31 -2.13 -3.38
C ALA A 28 3.18 -3.11 -3.08
N HYP A 29 3.34 -4.33 -3.53
CA HYP A 29 2.31 -5.38 -3.32
C HYP A 29 2.35 -5.89 -1.87
O HYP A 29 3.28 -5.63 -1.14
CB HYP A 29 2.70 -6.47 -4.30
CG HYP A 29 4.16 -6.30 -4.55
CD HYP A 29 4.50 -4.84 -4.28
OD1 HYP A 29 4.52 -6.67 -5.88
HA HYP A 29 1.33 -4.99 -3.56
HB2 HYP A 29 2.50 -7.44 -3.87
HB3 HYP A 29 2.14 -6.35 -5.22
HG HYP A 29 4.71 -6.91 -3.85
HD22 HYP A 29 4.61 -4.31 -5.21
HD23 HYP A 29 5.40 -4.77 -3.69
HD1 HYP A 29 4.18 -6.00 -6.51
N SER A 30 1.34 -6.60 -1.45
CA SER A 30 1.32 -7.12 -0.04
C SER A 30 2.53 -8.04 0.23
N THR A 31 3.00 -8.75 -0.76
CA THR A 31 4.17 -9.65 -0.53
C THR A 31 5.48 -8.83 -0.58
N ASN A 32 5.78 -8.15 0.51
CA ASN A 32 7.03 -7.33 0.54
C ASN A 32 8.15 -8.09 1.25
N TRP A 33 9.36 -7.92 0.80
CA TRP A 33 10.52 -8.60 1.47
C TRP A 33 11.64 -7.56 1.66
N ILE A 34 12.22 -7.06 0.60
CA ILE A 34 13.29 -6.02 0.75
C ILE A 34 12.69 -4.61 0.51
N LEU A 35 11.39 -4.51 0.52
CA LEU A 35 10.73 -3.18 0.28
C LEU A 35 9.77 -2.85 1.43
N PRO A 36 9.65 -1.58 1.72
CA PRO A 36 8.75 -1.14 2.82
C PRO A 36 7.27 -1.26 2.40
N GLY A 37 6.41 -1.63 3.30
CA GLY A 37 4.97 -1.77 2.95
C GLY A 37 4.11 -1.12 4.05
N CYS A 38 3.11 -1.82 4.53
CA CYS A 38 2.23 -1.24 5.59
C CYS A 38 2.12 -2.23 6.77
N SER A 39 2.18 -1.74 7.98
CA SER A 39 2.06 -2.66 9.15
C SER A 39 0.58 -2.96 9.45
N THR A 40 -0.12 -3.49 8.48
CA THR A 40 -1.57 -3.81 8.69
C THR A 40 -1.81 -5.32 8.55
N SER A 41 -1.07 -6.11 9.28
CA SER A 41 -1.23 -7.60 9.21
C SER A 41 -2.59 -8.01 9.80
N SER A 42 -3.22 -9.00 9.22
CA SER A 42 -4.55 -9.46 9.73
C SER A 42 -4.48 -10.92 10.20
N PHE A 43 -3.30 -11.47 10.38
CA PHE A 43 -3.20 -12.90 10.84
C PHE A 43 -1.78 -13.23 11.33
N PHE A 44 -1.05 -12.28 11.84
CA PHE A 44 0.33 -12.58 12.34
C PHE A 44 0.89 -11.39 13.13
N LYS A 45 2.12 -11.46 13.56
CA LYS A 45 2.73 -10.34 14.34
C LYS A 45 4.12 -9.99 13.77
N ILE A 46 5.05 -9.64 14.62
CA ILE A 46 6.43 -9.28 14.14
C ILE A 46 7.32 -10.54 14.17
N GLY A 1 -5.92 2.14 -16.30
CA GLY A 1 -6.25 0.73 -16.67
C GLY A 1 -7.71 0.44 -16.32
N HYP A 2 -7.95 -0.68 -15.67
CA HYP A 2 -9.33 -1.05 -15.28
C HYP A 2 -9.84 -0.11 -14.19
O HYP A 2 -9.07 0.44 -13.42
CB HYP A 2 -9.19 -2.48 -14.76
CG HYP A 2 -7.76 -2.57 -14.31
CD HYP A 2 -6.97 -1.68 -15.22
OD1 HYP A 2 -7.28 -3.92 -14.38
HA HYP A 2 -9.98 -1.03 -16.15
HB2 HYP A 2 -9.86 -2.63 -13.93
HB3 HYP A 2 -9.38 -3.18 -15.54
HG HYP A 2 -7.69 -2.20 -13.30
HD22 HYP A 2 -6.59 -2.23 -16.06
HD23 HYP A 2 -6.17 -1.21 -14.67
HD1 HYP A 2 -7.86 -4.51 -13.89
N SER A 3 -11.14 0.10 -14.11
CA SER A 3 -11.69 1.00 -13.06
C SER A 3 -11.58 0.35 -11.67
N PHE A 4 -10.41 0.33 -11.11
CA PHE A 4 -10.21 -0.28 -9.76
C PHE A 4 -9.05 0.40 -9.02
N CYS A 5 -8.40 -0.30 -8.12
CA CYS A 5 -7.25 0.32 -7.36
C CYS A 5 -6.09 0.67 -8.31
N LYS A 6 -5.13 1.41 -7.83
CA LYS A 6 -3.97 1.80 -8.68
C LYS A 6 -2.99 0.63 -8.78
N ALA A 7 -1.93 0.78 -9.53
CA ALA A 7 -0.94 -0.33 -9.68
C ALA A 7 0.31 -0.08 -8.83
N ASP A 8 1.18 -1.05 -8.76
CA ASP A 8 2.44 -0.89 -7.98
C ASP A 8 3.34 0.16 -8.63
N GLU A 9 4.52 0.37 -8.11
CA GLU A 9 5.47 1.38 -8.69
C GLU A 9 4.95 2.81 -8.46
N LYS A 10 3.75 3.10 -8.84
CA LYS A 10 3.20 4.49 -8.62
C LYS A 10 2.68 4.64 -7.18
N HYP A 11 3.44 5.34 -6.37
CA HYP A 11 3.08 5.53 -4.93
C HYP A 11 1.95 6.55 -4.78
O HYP A 11 1.46 7.10 -5.74
CB HYP A 11 4.35 6.08 -4.31
CG HYP A 11 5.09 6.75 -5.44
CD HYP A 11 4.70 6.02 -6.70
OD1 HYP A 11 4.75 8.13 -5.51
HA HYP A 11 2.81 4.58 -4.47
HB2 HYP A 11 4.11 6.80 -3.54
HB3 HYP A 11 4.95 5.28 -3.91
HG HYP A 11 6.15 6.63 -5.28
HD22 HYP A 11 5.46 5.31 -6.96
HD23 HYP A 11 4.55 6.72 -7.51
HD1 HYP A 11 3.80 8.24 -5.64
N CYS A 12 1.56 6.84 -3.56
CA CYS A 12 0.48 7.87 -3.36
C CYS A 12 0.50 8.40 -1.92
N GLU A 13 -0.42 9.27 -1.57
CA GLU A 13 -0.44 9.85 -0.19
C GLU A 13 -1.08 8.88 0.81
N TYR A 14 -2.19 8.26 0.43
CA TYR A 14 -2.86 7.30 1.35
C TYR A 14 -2.07 5.99 1.44
N HIS A 15 -2.70 4.90 1.80
CA HIS A 15 -1.96 3.60 1.86
C HIS A 15 -2.73 2.51 1.12
N ALA A 16 -3.83 2.83 0.47
CA ALA A 16 -4.62 1.79 -0.26
C ALA A 16 -4.98 2.26 -1.67
N ASP A 17 -4.37 3.32 -2.16
CA ASP A 17 -4.68 3.80 -3.54
C ASP A 17 -4.40 2.67 -4.55
N CYS A 18 -3.27 2.04 -4.43
CA CYS A 18 -2.96 0.91 -5.36
C CYS A 18 -3.61 -0.37 -4.81
N CYS A 19 -3.56 -1.44 -5.53
CA CYS A 19 -4.17 -2.72 -5.00
C CYS A 19 -3.29 -3.33 -3.89
N ASN A 20 -2.59 -2.51 -3.13
CA ASN A 20 -1.71 -3.03 -2.04
C ASN A 20 -1.36 -1.87 -1.07
N CYS A 21 -0.29 -1.15 -1.35
CA CYS A 21 0.11 0.01 -0.47
C CYS A 21 0.94 1.01 -1.29
N CYS A 22 0.69 2.29 -1.14
CA CYS A 22 1.47 3.31 -1.94
C CYS A 22 2.40 4.13 -1.03
N LEU A 23 3.59 3.65 -0.77
CA LEU A 23 4.52 4.44 0.11
C LEU A 23 5.13 5.60 -0.67
N SER A 24 5.54 6.62 0.03
CA SER A 24 6.14 7.83 -0.64
C SER A 24 7.20 7.41 -1.68
N GLY A 25 7.89 6.35 -1.44
CA GLY A 25 8.93 5.88 -2.40
C GLY A 25 8.26 5.27 -3.63
N ILE A 26 7.31 4.37 -3.44
CA ILE A 26 6.62 3.72 -4.61
C ILE A 26 5.49 2.82 -4.10
N CYS A 27 4.58 2.45 -4.96
CA CYS A 27 3.47 1.54 -4.51
C CYS A 27 3.98 0.09 -4.47
N ALA A 28 3.72 -0.61 -3.41
CA ALA A 28 4.21 -2.02 -3.29
C ALA A 28 3.17 -2.91 -2.60
N HYP A 29 3.37 -4.20 -2.70
CA HYP A 29 2.44 -5.18 -2.07
C HYP A 29 2.53 -5.14 -0.54
O HYP A 29 3.52 -4.72 0.02
CB HYP A 29 2.94 -6.53 -2.59
CG HYP A 29 4.37 -6.31 -2.93
CD HYP A 29 4.47 -4.87 -3.40
OD1 HYP A 29 4.82 -7.22 -3.95
HA HYP A 29 1.43 -5.01 -2.40
HB2 HYP A 29 2.84 -7.29 -1.82
HB3 HYP A 29 2.39 -6.82 -3.48
HG HYP A 29 4.97 -6.43 -2.03
HD22 HYP A 29 4.34 -4.80 -4.47
HD23 HYP A 29 5.43 -4.45 -3.11
HD1 HYP A 29 5.78 -7.16 -4.03
N SER A 30 1.50 -5.61 0.13
CA SER A 30 1.52 -5.63 1.62
C SER A 30 2.35 -6.82 2.11
N THR A 31 2.48 -7.85 1.30
CA THR A 31 3.28 -9.04 1.69
C THR A 31 4.79 -8.75 1.52
N ASN A 32 5.31 -7.84 2.31
CA ASN A 32 6.76 -7.51 2.19
C ASN A 32 7.54 -8.09 3.37
N TRP A 33 8.84 -8.04 3.30
CA TRP A 33 9.69 -8.59 4.42
C TRP A 33 10.73 -7.54 4.81
N ILE A 34 11.66 -7.24 3.93
CA ILE A 34 12.69 -6.20 4.25
C ILE A 34 12.33 -4.89 3.55
N LEU A 35 11.47 -4.95 2.56
CA LEU A 35 11.06 -3.72 1.84
C LEU A 35 9.90 -3.05 2.58
N PRO A 36 9.86 -1.74 2.54
CA PRO A 36 8.78 -1.00 3.25
C PRO A 36 7.42 -1.26 2.58
N GLY A 37 6.50 -1.85 3.30
CA GLY A 37 5.15 -2.16 2.71
C GLY A 37 4.08 -1.32 3.41
N CYS A 38 3.31 -1.93 4.28
CA CYS A 38 2.24 -1.16 4.99
C CYS A 38 2.54 -1.08 6.49
N SER A 39 3.03 -2.14 7.08
CA SER A 39 3.34 -2.12 8.54
C SER A 39 4.58 -1.25 8.81
N THR A 40 4.46 0.04 8.65
CA THR A 40 5.63 0.94 8.88
C THR A 40 5.16 2.39 9.11
N SER A 41 5.85 3.11 9.94
CA SER A 41 5.47 4.53 10.22
C SER A 41 6.38 5.48 9.43
N SER A 42 7.66 5.17 9.37
CA SER A 42 8.64 6.03 8.64
C SER A 42 8.22 6.21 7.16
N PHE A 43 8.83 7.14 6.47
CA PHE A 43 8.47 7.38 5.04
C PHE A 43 9.73 7.35 4.17
N PHE A 44 10.69 6.52 4.49
CA PHE A 44 11.94 6.44 3.68
C PHE A 44 11.97 5.12 2.89
N LYS A 45 12.77 5.04 1.87
CA LYS A 45 12.85 3.79 1.06
C LYS A 45 14.23 3.13 1.18
N ILE A 46 14.94 3.38 2.25
CA ILE A 46 16.28 2.78 2.41
C ILE A 46 16.56 2.51 3.90
N GLY A 1 -20.33 4.35 -4.47
CA GLY A 1 -19.82 4.74 -5.81
C GLY A 1 -18.82 3.70 -6.31
N HYP A 2 -18.38 3.86 -7.54
CA HYP A 2 -17.41 2.91 -8.11
C HYP A 2 -16.00 3.16 -7.55
O HYP A 2 -15.51 4.28 -7.58
CB HYP A 2 -17.45 3.22 -9.61
CG HYP A 2 -17.90 4.64 -9.72
CD HYP A 2 -18.74 4.92 -8.49
OD1 HYP A 2 -18.65 4.86 -10.92
HA HYP A 2 -17.72 1.89 -7.94
HB2 HYP A 2 -16.46 3.11 -10.03
HB3 HYP A 2 -18.14 2.56 -10.11
HG HYP A 2 -17.04 5.29 -9.70
HD22 HYP A 2 -19.79 4.87 -8.72
HD23 HYP A 2 -18.50 5.90 -8.07
HD1 HYP A 2 -18.36 5.69 -11.33
N SER A 3 -15.36 2.15 -7.02
CA SER A 3 -14.00 2.35 -6.43
C SER A 3 -13.00 1.36 -7.06
N PHE A 4 -11.82 1.84 -7.37
CA PHE A 4 -10.77 0.95 -7.97
C PHE A 4 -9.47 1.10 -7.17
N CYS A 5 -8.37 0.58 -7.67
CA CYS A 5 -7.08 0.72 -6.94
C CYS A 5 -5.92 1.00 -7.91
N LYS A 6 -4.85 1.55 -7.41
CA LYS A 6 -3.68 1.88 -8.27
C LYS A 6 -2.78 0.63 -8.41
N ALA A 7 -1.84 0.67 -9.31
CA ALA A 7 -0.93 -0.50 -9.49
C ALA A 7 0.44 -0.25 -8.81
N ASP A 8 1.31 -1.22 -8.85
CA ASP A 8 2.66 -1.07 -8.21
C ASP A 8 3.43 0.10 -8.86
N GLU A 9 4.59 0.40 -8.33
CA GLU A 9 5.44 1.52 -8.87
C GLU A 9 4.83 2.90 -8.55
N LYS A 10 3.60 3.13 -8.91
CA LYS A 10 2.97 4.48 -8.63
C LYS A 10 2.49 4.55 -7.17
N HYP A 11 3.24 5.31 -6.36
CA HYP A 11 2.90 5.44 -4.92
C HYP A 11 1.65 6.30 -4.71
O HYP A 11 1.04 6.79 -5.65
CB HYP A 11 4.14 6.13 -4.35
CG HYP A 11 4.78 6.85 -5.48
CD HYP A 11 4.44 6.08 -6.73
OD1 HYP A 11 4.32 8.20 -5.58
HA HYP A 11 2.77 4.47 -4.46
HB2 HYP A 11 3.84 6.82 -3.57
HB3 HYP A 11 4.82 5.40 -3.94
HG HYP A 11 5.84 6.82 -5.35
HD22 HYP A 11 5.24 5.41 -6.99
HD23 HYP A 11 4.22 6.76 -7.54
HD1 HYP A 11 3.36 8.22 -5.56
N CYS A 12 1.25 6.50 -3.48
CA CYS A 12 0.04 7.34 -3.21
C CYS A 12 0.23 8.17 -1.94
N GLU A 13 -0.78 8.92 -1.58
CA GLU A 13 -0.68 9.77 -0.35
C GLU A 13 -1.01 8.95 0.89
N TYR A 14 -2.00 8.09 0.80
CA TYR A 14 -2.40 7.26 1.97
C TYR A 14 -1.84 5.84 1.79
N HIS A 15 -2.59 4.82 2.14
CA HIS A 15 -2.07 3.42 1.96
C HIS A 15 -3.12 2.51 1.30
N ALA A 16 -4.22 3.06 0.81
CA ALA A 16 -5.24 2.18 0.15
C ALA A 16 -5.44 2.56 -1.32
N ASP A 17 -4.66 3.47 -1.83
CA ASP A 17 -4.78 3.88 -3.26
C ASP A 17 -4.46 2.66 -4.15
N CYS A 18 -3.39 1.97 -3.85
CA CYS A 18 -3.01 0.76 -4.65
C CYS A 18 -3.84 -0.45 -4.23
N CYS A 19 -3.76 -1.51 -4.98
CA CYS A 19 -4.51 -2.75 -4.59
C CYS A 19 -3.67 -3.55 -3.56
N ASN A 20 -2.82 -2.86 -2.84
CA ASN A 20 -1.93 -3.53 -1.83
C ASN A 20 -1.41 -2.45 -0.88
N CYS A 21 -0.38 -1.73 -1.27
CA CYS A 21 0.19 -0.64 -0.41
C CYS A 21 0.95 0.35 -1.29
N CYS A 22 0.92 1.62 -0.98
CA CYS A 22 1.66 2.61 -1.83
C CYS A 22 2.30 3.70 -0.97
N LEU A 23 3.53 3.51 -0.58
CA LEU A 23 4.21 4.55 0.25
C LEU A 23 4.66 5.71 -0.64
N SER A 24 4.90 6.86 -0.05
CA SER A 24 5.35 8.05 -0.85
C SER A 24 6.48 7.65 -1.81
N GLY A 25 7.31 6.72 -1.43
CA GLY A 25 8.42 6.32 -2.34
C GLY A 25 7.86 5.63 -3.59
N ILE A 26 7.03 4.63 -3.42
CA ILE A 26 6.45 3.91 -4.61
C ILE A 26 5.38 2.89 -4.16
N CYS A 27 4.55 2.44 -5.07
CA CYS A 27 3.51 1.43 -4.70
C CYS A 27 4.20 0.07 -4.48
N ALA A 28 3.76 -0.69 -3.53
CA ALA A 28 4.40 -2.02 -3.27
C ALA A 28 3.34 -3.11 -3.04
N HYP A 29 3.73 -4.32 -3.38
CA HYP A 29 2.82 -5.49 -3.23
C HYP A 29 2.59 -5.80 -1.74
O HYP A 29 3.46 -5.62 -0.91
CB HYP A 29 3.60 -6.62 -3.91
CG HYP A 29 5.03 -6.21 -3.83
CD HYP A 29 5.02 -4.71 -3.95
OD1 HYP A 29 5.82 -6.82 -4.87
HA HYP A 29 1.89 -5.32 -3.74
HB2 HYP A 29 3.45 -7.55 -3.36
HB3 HYP A 29 3.28 -6.74 -4.93
HG HYP A 29 5.42 -6.48 -2.86
HD22 HYP A 29 5.08 -4.40 -4.98
HD23 HYP A 29 5.83 -4.28 -3.37
HD1 HYP A 29 5.66 -6.37 -5.70
N SER A 30 1.42 -6.28 -1.39
CA SER A 30 1.12 -6.61 0.03
C SER A 30 1.83 -7.91 0.46
N THR A 31 3.13 -7.96 0.35
CA THR A 31 3.87 -9.20 0.76
C THR A 31 4.84 -8.88 1.91
N ASN A 32 4.65 -7.77 2.58
CA ASN A 32 5.56 -7.41 3.71
C ASN A 32 4.91 -7.82 5.04
N TRP A 33 5.70 -8.02 6.05
CA TRP A 33 5.15 -8.42 7.38
C TRP A 33 5.85 -7.63 8.49
N ILE A 34 7.06 -7.98 8.85
CA ILE A 34 7.77 -7.19 9.92
C ILE A 34 8.47 -5.98 9.30
N LEU A 35 8.59 -5.94 8.00
CA LEU A 35 9.24 -4.79 7.33
C LEU A 35 8.28 -3.59 7.26
N PRO A 36 8.84 -2.42 7.06
CA PRO A 36 8.01 -1.19 6.97
C PRO A 36 7.23 -1.16 5.65
N GLY A 37 6.25 -2.02 5.50
CA GLY A 37 5.46 -2.06 4.25
C GLY A 37 4.03 -1.58 4.50
N CYS A 38 3.22 -2.38 5.14
CA CYS A 38 1.81 -1.97 5.42
C CYS A 38 1.51 -1.94 6.92
N SER A 39 2.49 -1.77 7.75
CA SER A 39 2.23 -1.74 9.22
C SER A 39 1.81 -0.31 9.64
N THR A 40 0.86 0.28 8.94
CA THR A 40 0.40 1.65 9.28
C THR A 40 -0.70 2.07 8.29
N SER A 41 -1.59 2.92 8.72
CA SER A 41 -2.70 3.37 7.82
C SER A 41 -2.83 4.90 7.85
N SER A 42 -3.06 5.47 9.02
CA SER A 42 -3.20 6.95 9.13
C SER A 42 -2.61 7.44 10.47
N PHE A 43 -1.41 7.02 10.79
CA PHE A 43 -0.80 7.43 12.08
C PHE A 43 -0.12 8.80 11.92
N PHE A 44 -0.89 9.85 11.94
CA PHE A 44 -0.29 11.22 11.80
C PHE A 44 0.23 11.71 13.16
N LYS A 45 1.26 11.08 13.67
CA LYS A 45 1.82 11.48 15.00
C LYS A 45 3.33 11.27 15.02
N ILE A 46 4.01 11.88 15.95
CA ILE A 46 5.49 11.71 16.05
C ILE A 46 5.83 10.36 16.71
N GLY A 1 -9.78 -9.87 -13.98
CA GLY A 1 -9.05 -8.60 -14.27
C GLY A 1 -8.69 -7.91 -12.95
N HYP A 2 -8.00 -6.80 -13.05
CA HYP A 2 -7.58 -6.04 -11.84
C HYP A 2 -8.79 -5.33 -11.21
O HYP A 2 -9.76 -5.00 -11.88
CB HYP A 2 -6.57 -5.05 -12.37
CG HYP A 2 -6.92 -4.87 -13.82
CD HYP A 2 -7.55 -6.15 -14.29
OD1 HYP A 2 -5.78 -4.54 -14.61
HA HYP A 2 -7.13 -6.71 -11.12
HB2 HYP A 2 -6.65 -4.10 -11.85
HB3 HYP A 2 -5.57 -5.44 -12.28
HG HYP A 2 -7.65 -4.08 -13.90
HD22 HYP A 2 -6.82 -6.77 -14.79
HD23 HYP A 2 -8.39 -5.93 -14.94
HD1 HYP A 2 -5.66 -3.58 -14.64
N SER A 3 -8.73 -5.06 -9.93
CA SER A 3 -9.86 -4.37 -9.26
C SER A 3 -9.68 -2.84 -9.37
N PHE A 4 -10.47 -2.08 -8.67
CA PHE A 4 -10.34 -0.59 -8.73
C PHE A 4 -9.25 -0.10 -7.78
N CYS A 5 -8.04 0.05 -8.24
CA CYS A 5 -6.94 0.54 -7.35
C CYS A 5 -5.68 0.91 -8.17
N LYS A 6 -4.77 1.63 -7.58
CA LYS A 6 -3.53 2.03 -8.30
C LYS A 6 -2.59 0.83 -8.45
N ALA A 7 -1.66 0.90 -9.37
CA ALA A 7 -0.72 -0.23 -9.60
C ALA A 7 0.61 0.00 -8.87
N ASP A 8 1.52 -0.93 -8.98
CA ASP A 8 2.85 -0.81 -8.30
C ASP A 8 3.63 0.39 -8.85
N GLU A 9 4.81 0.64 -8.30
CA GLU A 9 5.69 1.78 -8.74
C GLU A 9 5.07 3.13 -8.37
N LYS A 10 3.86 3.37 -8.78
CA LYS A 10 3.17 4.67 -8.49
C LYS A 10 2.59 4.66 -7.05
N HYP A 11 3.28 5.32 -6.16
CA HYP A 11 2.85 5.35 -4.73
C HYP A 11 1.61 6.21 -4.53
O HYP A 11 0.99 6.66 -5.47
CB HYP A 11 4.04 5.99 -4.03
CG HYP A 11 4.72 6.83 -5.07
CD HYP A 11 4.50 6.12 -6.37
OD1 HYP A 11 4.21 8.16 -5.09
HA HYP A 11 2.70 4.35 -4.35
HB2 HYP A 11 3.71 6.62 -3.21
HB3 HYP A 11 4.71 5.24 -3.66
HG HYP A 11 5.78 6.83 -4.87
HD22 HYP A 11 5.32 5.47 -6.59
HD23 HYP A 11 4.35 6.83 -7.17
HD1 HYP A 11 3.33 8.17 -5.49
N CYS A 12 1.24 6.45 -3.30
CA CYS A 12 0.04 7.29 -3.01
C CYS A 12 0.26 8.11 -1.74
N GLU A 13 -0.60 9.04 -1.46
CA GLU A 13 -0.44 9.88 -0.23
C GLU A 13 -0.86 9.07 1.01
N TYR A 14 -1.89 8.27 0.86
CA TYR A 14 -2.38 7.44 1.99
C TYR A 14 -1.81 6.02 1.86
N HIS A 15 -2.61 4.99 2.04
CA HIS A 15 -2.07 3.61 1.91
C HIS A 15 -3.09 2.64 1.26
N ALA A 16 -4.27 3.08 0.94
CA ALA A 16 -5.28 2.15 0.32
C ALA A 16 -5.55 2.50 -1.15
N ASP A 17 -4.80 3.41 -1.73
CA ASP A 17 -5.04 3.76 -3.17
C ASP A 17 -4.54 2.62 -4.09
N CYS A 18 -3.45 1.99 -3.73
CA CYS A 18 -2.92 0.86 -4.58
C CYS A 18 -3.69 -0.43 -4.28
N CYS A 19 -3.70 -1.37 -5.19
CA CYS A 19 -4.40 -2.67 -4.93
C CYS A 19 -3.84 -3.37 -3.67
N ASN A 20 -2.72 -2.91 -3.16
CA ASN A 20 -2.12 -3.53 -1.94
C ASN A 20 -1.55 -2.44 -1.02
N CYS A 21 -0.50 -1.77 -1.42
CA CYS A 21 0.07 -0.69 -0.54
C CYS A 21 0.77 0.37 -1.38
N CYS A 22 0.91 1.57 -0.89
CA CYS A 22 1.59 2.63 -1.69
C CYS A 22 2.25 3.68 -0.78
N LEU A 23 3.48 3.45 -0.39
CA LEU A 23 4.17 4.44 0.49
C LEU A 23 4.64 5.62 -0.36
N SER A 24 4.88 6.75 0.25
CA SER A 24 5.34 7.96 -0.53
C SER A 24 6.50 7.59 -1.47
N GLY A 25 7.31 6.62 -1.09
CA GLY A 25 8.45 6.21 -1.95
C GLY A 25 7.93 5.55 -3.23
N ILE A 26 7.07 4.56 -3.11
CA ILE A 26 6.52 3.86 -4.32
C ILE A 26 5.40 2.87 -3.93
N CYS A 27 4.60 2.46 -4.89
CA CYS A 27 3.51 1.46 -4.58
C CYS A 27 4.14 0.09 -4.36
N ALA A 28 3.79 -0.56 -3.28
CA ALA A 28 4.36 -1.92 -3.00
C ALA A 28 3.22 -2.95 -2.89
N HYP A 29 3.47 -4.12 -3.43
CA HYP A 29 2.47 -5.22 -3.39
C HYP A 29 2.56 -5.99 -2.07
O HYP A 29 3.19 -7.03 -1.99
CB HYP A 29 2.87 -6.09 -4.57
CG HYP A 29 4.34 -5.84 -4.82
CD HYP A 29 4.70 -4.53 -4.14
OD1 HYP A 29 4.62 -5.79 -6.21
HA HYP A 29 1.48 -4.83 -3.54
HB2 HYP A 29 2.70 -7.13 -4.33
HB3 HYP A 29 2.30 -5.82 -5.45
HG HYP A 29 4.90 -6.63 -4.34
HD22 HYP A 29 4.97 -3.79 -4.86
HD23 HYP A 29 5.50 -4.69 -3.43
HD1 HYP A 29 4.09 -5.09 -6.62
N SER A 30 1.93 -5.51 -1.03
CA SER A 30 1.98 -6.24 0.28
C SER A 30 1.02 -7.41 0.26
N THR A 31 1.41 -8.49 -0.35
CA THR A 31 0.51 -9.69 -0.43
C THR A 31 1.31 -10.98 -0.75
N ASN A 32 2.45 -10.88 -1.41
CA ASN A 32 3.23 -12.12 -1.75
C ASN A 32 4.03 -12.60 -0.53
N TRP A 33 4.17 -11.77 0.48
CA TRP A 33 4.95 -12.19 1.68
C TRP A 33 4.53 -11.34 2.88
N ILE A 34 5.45 -10.65 3.50
CA ILE A 34 5.11 -9.78 4.69
C ILE A 34 5.66 -8.37 4.47
N LEU A 35 5.40 -7.84 3.31
CA LEU A 35 5.91 -6.47 2.97
C LEU A 35 5.51 -5.46 4.07
N PRO A 36 6.49 -5.02 4.81
CA PRO A 36 6.22 -4.04 5.89
C PRO A 36 6.01 -2.63 5.32
N GLY A 37 5.27 -1.81 6.01
CA GLY A 37 5.02 -0.41 5.52
C GLY A 37 3.55 -0.25 5.13
N CYS A 38 2.66 -0.54 6.04
CA CYS A 38 1.19 -0.42 5.74
C CYS A 38 0.37 -0.75 7.00
N SER A 39 0.84 -0.37 8.16
CA SER A 39 0.10 -0.67 9.43
C SER A 39 -0.60 0.59 9.98
N THR A 40 -0.82 1.57 9.15
CA THR A 40 -1.49 2.82 9.64
C THR A 40 -2.93 2.53 10.09
N SER A 41 -3.59 1.58 9.46
CA SER A 41 -5.00 1.26 9.86
C SER A 41 -5.00 0.20 10.99
N SER A 42 -4.31 0.46 12.08
CA SER A 42 -4.29 -0.54 13.19
C SER A 42 -5.33 -0.16 14.26
N PHE A 43 -6.42 0.45 13.85
CA PHE A 43 -7.47 0.84 14.85
C PHE A 43 -8.75 0.03 14.60
N PHE A 44 -8.86 -1.12 15.23
CA PHE A 44 -10.09 -1.95 15.03
C PHE A 44 -10.99 -1.89 16.28
N LYS A 45 -12.08 -2.61 16.27
CA LYS A 45 -13.01 -2.61 17.44
C LYS A 45 -12.67 -3.77 18.39
N ILE A 46 -13.27 -3.79 19.55
CA ILE A 46 -13.00 -4.89 20.52
C ILE A 46 -13.99 -6.04 20.28
N GLY A 1 -11.10 -1.85 -14.88
CA GLY A 1 -11.10 -2.99 -15.84
C GLY A 1 -10.66 -4.26 -15.11
N HYP A 2 -9.37 -4.54 -15.14
CA HYP A 2 -8.84 -5.75 -14.47
C HYP A 2 -8.86 -5.59 -12.94
O HYP A 2 -9.33 -6.46 -12.24
CB HYP A 2 -7.40 -5.85 -14.99
CG HYP A 2 -7.02 -4.45 -15.38
CD HYP A 2 -8.31 -3.75 -15.78
OD1 HYP A 2 -6.10 -4.44 -16.47
HA HYP A 2 -9.40 -6.62 -14.77
HB2 HYP A 2 -6.75 -6.21 -14.21
HB3 HYP A 2 -7.36 -6.49 -15.86
HG HYP A 2 -6.61 -3.95 -14.52
HD22 HYP A 2 -8.43 -3.77 -16.84
HD23 HYP A 2 -8.31 -2.73 -15.41
HD1 HYP A 2 -5.25 -4.08 -16.17
N SER A 3 -8.36 -4.50 -12.43
CA SER A 3 -8.35 -4.30 -10.95
C SER A 3 -9.07 -3.00 -10.58
N PHE A 4 -9.39 -2.82 -9.32
CA PHE A 4 -10.09 -1.57 -8.89
C PHE A 4 -9.17 -0.75 -7.99
N CYS A 5 -7.98 -0.45 -8.45
CA CYS A 5 -7.03 0.35 -7.60
C CYS A 5 -5.80 0.77 -8.42
N LYS A 6 -4.90 1.51 -7.83
CA LYS A 6 -3.68 1.96 -8.54
C LYS A 6 -2.72 0.76 -8.65
N ALA A 7 -1.74 0.85 -9.51
CA ALA A 7 -0.77 -0.28 -9.67
C ALA A 7 0.50 -0.04 -8.88
N ASP A 8 1.44 -0.95 -8.95
CA ASP A 8 2.72 -0.78 -8.22
C ASP A 8 3.52 0.37 -8.83
N GLU A 9 4.73 0.58 -8.36
CA GLU A 9 5.62 1.68 -8.89
C GLU A 9 5.05 3.06 -8.51
N LYS A 10 3.84 3.32 -8.88
CA LYS A 10 3.22 4.64 -8.56
C LYS A 10 2.65 4.66 -7.13
N HYP A 11 3.37 5.31 -6.24
CA HYP A 11 2.94 5.39 -4.81
C HYP A 11 1.72 6.30 -4.65
O HYP A 11 1.07 6.66 -5.63
CB HYP A 11 4.14 6.00 -4.11
CG HYP A 11 4.84 6.79 -5.16
CD HYP A 11 4.63 6.04 -6.45
OD1 HYP A 11 4.32 8.11 -5.23
HA HYP A 11 2.73 4.40 -4.42
HB2 HYP A 11 3.83 6.64 -3.30
HB3 HYP A 11 4.80 5.23 -3.74
HG HYP A 11 5.90 6.80 -4.95
HD22 HYP A 11 5.43 5.35 -6.64
HD23 HYP A 11 4.51 6.73 -7.27
HD1 HYP A 11 3.59 8.14 -5.86
N CYS A 12 1.41 6.69 -3.45
CA CYS A 12 0.24 7.62 -3.26
C CYS A 12 0.29 8.29 -1.88
N GLU A 13 -0.72 9.05 -1.54
CA GLU A 13 -0.71 9.78 -0.24
C GLU A 13 -1.25 8.90 0.89
N TYR A 14 -2.33 8.20 0.64
CA TYR A 14 -2.90 7.32 1.69
C TYR A 14 -2.21 5.94 1.64
N HIS A 15 -2.87 4.95 1.10
CA HIS A 15 -2.24 3.59 1.01
C HIS A 15 -3.16 2.62 0.25
N ALA A 16 -4.44 2.70 0.50
CA ALA A 16 -5.41 1.80 -0.20
C ALA A 16 -5.53 2.17 -1.69
N ASP A 17 -5.07 3.35 -2.07
CA ASP A 17 -5.17 3.76 -3.51
C ASP A 17 -4.61 2.66 -4.42
N CYS A 18 -3.52 2.07 -4.04
CA CYS A 18 -2.94 0.96 -4.87
C CYS A 18 -3.56 -0.37 -4.45
N CYS A 19 -3.53 -1.35 -5.32
CA CYS A 19 -4.10 -2.68 -4.95
C CYS A 19 -3.33 -3.30 -3.76
N ASN A 20 -2.27 -2.67 -3.30
CA ASN A 20 -1.48 -3.22 -2.15
C ASN A 20 -1.11 -2.08 -1.20
N CYS A 21 -0.02 -1.39 -1.45
CA CYS A 21 0.38 -0.25 -0.57
C CYS A 21 1.09 0.84 -1.40
N CYS A 22 0.96 2.09 -1.02
CA CYS A 22 1.61 3.19 -1.80
C CYS A 22 2.50 4.04 -0.91
N LEU A 23 3.68 3.57 -0.59
CA LEU A 23 4.56 4.40 0.30
C LEU A 23 5.16 5.57 -0.47
N SER A 24 5.48 6.65 0.21
CA SER A 24 6.07 7.84 -0.48
C SER A 24 7.15 7.44 -1.49
N GLY A 25 7.86 6.39 -1.21
CA GLY A 25 8.93 5.93 -2.15
C GLY A 25 8.28 5.39 -3.43
N ILE A 26 7.35 4.47 -3.30
CA ILE A 26 6.69 3.88 -4.51
C ILE A 26 5.56 2.92 -4.07
N CYS A 27 4.67 2.54 -4.97
CA CYS A 27 3.59 1.58 -4.57
C CYS A 27 4.14 0.16 -4.62
N ALA A 28 3.90 -0.62 -3.60
CA ALA A 28 4.42 -2.02 -3.57
C ALA A 28 3.36 -2.99 -3.00
N HYP A 29 3.70 -4.27 -2.99
CA HYP A 29 2.77 -5.31 -2.48
C HYP A 29 2.52 -5.13 -0.97
O HYP A 29 3.35 -4.60 -0.26
CB HYP A 29 3.51 -6.62 -2.75
CG HYP A 29 4.96 -6.23 -2.82
CD HYP A 29 4.97 -4.85 -3.44
OD1 HYP A 29 5.73 -7.17 -3.58
HA HYP A 29 1.84 -5.30 -3.02
HB2 HYP A 29 3.35 -7.31 -1.94
HB3 HYP A 29 3.20 -7.05 -3.68
HG HYP A 29 5.35 -6.15 -1.82
HD22 HYP A 29 4.99 -4.92 -4.52
HD23 HYP A 29 5.81 -4.29 -3.07
HD1 HYP A 29 5.36 -7.24 -4.48
N SER A 30 1.37 -5.55 -0.50
CA SER A 30 1.05 -5.40 0.96
C SER A 30 1.26 -6.72 1.71
N THR A 31 2.34 -7.42 1.44
CA THR A 31 2.59 -8.71 2.16
C THR A 31 3.34 -8.44 3.48
N ASN A 32 3.31 -7.22 3.98
CA ASN A 32 4.01 -6.90 5.24
C ASN A 32 3.06 -7.12 6.41
N TRP A 33 3.59 -7.14 7.61
CA TRP A 33 2.72 -7.34 8.81
C TRP A 33 2.98 -6.23 9.81
N ILE A 34 4.17 -6.15 10.34
CA ILE A 34 4.50 -5.07 11.33
C ILE A 34 5.72 -4.25 10.85
N LEU A 35 6.38 -4.69 9.81
CA LEU A 35 7.55 -3.94 9.28
C LEU A 35 7.15 -2.51 8.86
N PRO A 36 8.14 -1.65 8.78
CA PRO A 36 7.88 -0.23 8.37
C PRO A 36 7.41 -0.18 6.91
N GLY A 37 6.18 0.19 6.69
CA GLY A 37 5.65 0.27 5.30
C GLY A 37 4.19 0.69 5.34
N CYS A 38 3.28 -0.24 5.21
CA CYS A 38 1.82 0.13 5.26
C CYS A 38 1.44 0.59 6.68
N SER A 39 2.16 0.15 7.68
CA SER A 39 1.86 0.59 9.07
C SER A 39 2.75 1.79 9.43
N THR A 40 2.18 2.96 9.57
CA THR A 40 3.00 4.16 9.89
C THR A 40 2.25 5.10 10.86
N SER A 41 1.39 4.57 11.68
CA SER A 41 0.62 5.43 12.63
C SER A 41 0.98 5.13 14.09
N SER A 42 1.68 4.05 14.37
CA SER A 42 2.06 3.72 15.79
C SER A 42 2.96 4.81 16.38
N PHE A 43 2.57 5.38 17.50
CA PHE A 43 3.39 6.46 18.12
C PHE A 43 3.66 6.15 19.61
N PHE A 44 4.01 4.93 19.93
CA PHE A 44 4.30 4.59 21.36
C PHE A 44 5.65 3.87 21.50
N LYS A 45 5.97 3.38 22.68
CA LYS A 45 7.27 2.67 22.88
C LYS A 45 7.03 1.27 23.48
N ILE A 46 7.91 0.81 24.32
CA ILE A 46 7.74 -0.56 24.93
C ILE A 46 6.81 -0.48 26.14
N GLY A 1 -13.91 8.10 -5.98
CA GLY A 1 -13.36 7.47 -7.22
C GLY A 1 -14.05 6.12 -7.45
N HYP A 2 -13.46 5.31 -8.30
CA HYP A 2 -14.05 3.98 -8.61
C HYP A 2 -13.82 3.01 -7.43
O HYP A 2 -13.27 3.40 -6.42
CB HYP A 2 -13.27 3.52 -9.84
CG HYP A 2 -11.95 4.25 -9.77
CD HYP A 2 -12.23 5.56 -9.06
OD1 HYP A 2 -11.40 4.45 -11.07
HA HYP A 2 -15.10 4.07 -8.85
HB2 HYP A 2 -13.11 2.45 -9.81
HB3 HYP A 2 -13.79 3.80 -10.75
HG HYP A 2 -11.27 3.67 -9.17
HD22 HYP A 2 -12.38 6.35 -9.77
HD23 HYP A 2 -11.41 5.80 -8.39
HD1 HYP A 2 -11.94 5.10 -11.56
N SER A 3 -14.22 1.78 -7.58
CA SER A 3 -14.02 0.78 -6.48
C SER A 3 -12.80 -0.12 -6.77
N PHE A 4 -11.91 0.30 -7.62
CA PHE A 4 -10.71 -0.52 -7.93
C PHE A 4 -9.49 0.10 -7.24
N CYS A 5 -8.30 -0.25 -7.64
CA CYS A 5 -7.09 0.34 -6.98
C CYS A 5 -5.97 0.60 -8.00
N LYS A 6 -5.02 1.41 -7.62
CA LYS A 6 -3.88 1.74 -8.53
C LYS A 6 -2.89 0.56 -8.59
N ALA A 7 -1.84 0.69 -9.35
CA ALA A 7 -0.83 -0.42 -9.45
C ALA A 7 0.44 -0.08 -8.68
N ASP A 8 1.39 -0.96 -8.67
CA ASP A 8 2.65 -0.70 -7.93
C ASP A 8 3.45 0.42 -8.62
N GLU A 9 4.61 0.74 -8.08
CA GLU A 9 5.47 1.82 -8.68
C GLU A 9 4.89 3.22 -8.41
N LYS A 10 3.68 3.46 -8.84
CA LYS A 10 3.03 4.80 -8.61
C LYS A 10 2.61 4.90 -7.14
N HYP A 11 3.33 5.71 -6.39
CA HYP A 11 3.07 5.86 -4.93
C HYP A 11 2.08 6.97 -4.62
O HYP A 11 1.54 7.60 -5.50
CB HYP A 11 4.44 6.24 -4.39
CG HYP A 11 5.18 6.89 -5.53
CD HYP A 11 4.45 6.57 -6.81
OD1 HYP A 11 5.26 8.30 -5.34
HA HYP A 11 2.76 4.92 -4.50
HB2 HYP A 11 4.33 6.93 -3.57
HB3 HYP A 11 4.96 5.36 -4.06
HG HYP A 11 6.18 6.47 -5.58
HD22 HYP A 11 5.09 6.02 -7.48
HD23 HYP A 11 4.08 7.47 -7.27
HD1 HYP A 11 5.50 8.48 -4.41
N CYS A 12 1.86 7.21 -3.33
CA CYS A 12 0.91 8.30 -2.92
C CYS A 12 0.98 8.48 -1.39
N GLU A 13 -0.03 9.05 -0.79
CA GLU A 13 -0.02 9.25 0.70
C GLU A 13 -0.77 8.11 1.41
N TYR A 14 -1.99 7.83 1.01
CA TYR A 14 -2.75 6.74 1.69
C TYR A 14 -2.23 5.37 1.26
N HIS A 15 -2.31 4.39 2.12
CA HIS A 15 -1.84 3.02 1.73
C HIS A 15 -2.96 2.27 0.98
N ALA A 16 -3.98 2.95 0.51
CA ALA A 16 -5.08 2.23 -0.21
C ALA A 16 -5.18 2.66 -1.68
N ASP A 17 -4.42 3.64 -2.10
CA ASP A 17 -4.49 4.07 -3.54
C ASP A 17 -4.23 2.86 -4.45
N CYS A 18 -3.24 2.07 -4.14
CA CYS A 18 -2.93 0.85 -4.97
C CYS A 18 -3.61 -0.38 -4.37
N CYS A 19 -3.71 -1.44 -5.12
CA CYS A 19 -4.38 -2.69 -4.60
C CYS A 19 -3.69 -3.26 -3.35
N ASN A 20 -2.56 -2.73 -2.92
CA ASN A 20 -1.90 -3.30 -1.70
C ASN A 20 -1.23 -2.19 -0.88
N CYS A 21 -0.11 -1.67 -1.33
CA CYS A 21 0.57 -0.59 -0.55
C CYS A 21 0.90 0.60 -1.47
N CYS A 22 1.04 1.77 -0.91
CA CYS A 22 1.33 2.97 -1.75
C CYS A 22 2.17 3.98 -0.97
N LEU A 23 3.39 3.67 -0.64
CA LEU A 23 4.21 4.64 0.14
C LEU A 23 4.70 5.76 -0.77
N SER A 24 4.83 6.94 -0.23
CA SER A 24 5.28 8.12 -1.06
C SER A 24 6.44 7.75 -1.99
N GLY A 25 7.31 6.88 -1.54
CA GLY A 25 8.45 6.46 -2.41
C GLY A 25 7.93 5.70 -3.63
N ILE A 26 7.13 4.68 -3.42
CA ILE A 26 6.58 3.89 -4.56
C ILE A 26 5.43 2.97 -4.07
N CYS A 27 4.55 2.56 -4.97
CA CYS A 27 3.46 1.64 -4.56
C CYS A 27 3.97 0.20 -4.61
N ALA A 28 3.49 -0.66 -3.75
CA ALA A 28 3.99 -2.06 -3.75
C ALA A 28 2.90 -3.02 -3.28
N HYP A 29 3.17 -4.30 -3.43
CA HYP A 29 2.21 -5.35 -3.02
C HYP A 29 2.14 -5.44 -1.48
O HYP A 29 2.83 -4.72 -0.79
CB HYP A 29 2.80 -6.63 -3.60
CG HYP A 29 4.26 -6.35 -3.75
CD HYP A 29 4.39 -4.87 -4.00
OD1 HYP A 29 4.84 -7.12 -4.80
HA HYP A 29 1.23 -5.16 -3.43
HB2 HYP A 29 2.63 -7.46 -2.94
HB3 HYP A 29 2.37 -6.83 -4.58
HG HYP A 29 4.74 -6.59 -2.81
HD22 HYP A 29 4.43 -4.67 -5.06
HD23 HYP A 29 5.26 -4.48 -3.49
HD1 HYP A 29 4.59 -6.73 -5.65
N SER A 30 1.30 -6.30 -0.96
CA SER A 30 1.18 -6.42 0.53
C SER A 30 2.13 -7.50 1.06
N THR A 31 3.16 -7.84 0.32
CA THR A 31 4.11 -8.88 0.80
C THR A 31 5.07 -8.26 1.82
N ASN A 32 4.55 -7.82 2.93
CA ASN A 32 5.40 -7.19 3.97
C ASN A 32 5.37 -8.03 5.25
N TRP A 33 6.36 -7.88 6.09
CA TRP A 33 6.40 -8.66 7.36
C TRP A 33 6.92 -7.77 8.50
N ILE A 34 8.14 -7.31 8.39
CA ILE A 34 8.71 -6.43 9.46
C ILE A 34 9.05 -5.03 8.91
N LEU A 35 9.05 -4.87 7.61
CA LEU A 35 9.37 -3.54 7.01
C LEU A 35 8.48 -2.43 7.61
N PRO A 36 9.11 -1.54 8.34
CA PRO A 36 8.37 -0.43 8.99
C PRO A 36 7.86 0.57 7.93
N GLY A 37 6.79 0.24 7.27
CA GLY A 37 6.24 1.16 6.22
C GLY A 37 4.84 0.69 5.79
N CYS A 38 4.65 -0.59 5.63
CA CYS A 38 3.30 -1.10 5.21
C CYS A 38 3.03 -2.46 5.84
N SER A 39 1.89 -2.65 6.43
CA SER A 39 1.56 -3.97 7.06
C SER A 39 0.07 -4.30 6.86
N THR A 40 -0.39 -4.22 5.64
CA THR A 40 -1.83 -4.52 5.36
C THR A 40 -1.96 -5.87 4.64
N SER A 41 -3.16 -6.24 4.26
CA SER A 41 -3.36 -7.54 3.54
C SER A 41 -4.45 -7.40 2.48
N SER A 42 -4.30 -8.06 1.36
CA SER A 42 -5.34 -7.97 0.29
C SER A 42 -5.62 -9.36 -0.29
N PHE A 43 -6.63 -10.03 0.22
CA PHE A 43 -6.95 -11.40 -0.31
C PHE A 43 -7.93 -11.31 -1.48
N PHE A 44 -8.83 -10.36 -1.45
CA PHE A 44 -9.81 -10.21 -2.56
C PHE A 44 -9.11 -9.75 -3.84
N LYS A 45 -8.59 -10.69 -4.59
CA LYS A 45 -7.89 -10.33 -5.87
C LYS A 45 -8.10 -11.45 -6.90
N ILE A 46 -7.13 -11.70 -7.74
CA ILE A 46 -7.28 -12.79 -8.76
C ILE A 46 -6.98 -14.16 -8.12
N GLY A 1 -4.96 -8.22 -13.25
CA GLY A 1 -5.24 -8.29 -11.78
C GLY A 1 -6.57 -7.58 -11.48
N HYP A 2 -6.70 -7.10 -10.26
CA HYP A 2 -7.95 -6.40 -9.85
C HYP A 2 -8.06 -5.04 -10.55
O HYP A 2 -7.18 -4.20 -10.45
CB HYP A 2 -7.78 -6.22 -8.34
CG HYP A 2 -6.30 -6.26 -8.11
CD HYP A 2 -5.72 -7.16 -9.17
OD1 HYP A 2 -5.98 -6.71 -6.78
HA HYP A 2 -8.81 -7.01 -10.06
HB2 HYP A 2 -8.18 -5.27 -8.02
HB3 HYP A 2 -8.25 -7.03 -7.81
HG HYP A 2 -5.90 -5.26 -8.25
HD22 HYP A 2 -5.65 -8.17 -8.80
HD23 HYP A 2 -4.76 -6.80 -9.49
HD1 HYP A 2 -5.25 -7.34 -6.81
N SER A 3 -9.12 -4.82 -11.29
CA SER A 3 -9.30 -3.53 -12.01
C SER A 3 -10.07 -2.52 -11.16
N PHE A 4 -9.53 -2.13 -10.04
CA PHE A 4 -10.24 -1.13 -9.17
C PHE A 4 -9.25 -0.57 -8.13
N CYS A 5 -8.07 -0.20 -8.56
CA CYS A 5 -7.05 0.35 -7.62
C CYS A 5 -5.78 0.70 -8.38
N LYS A 6 -4.86 1.39 -7.76
CA LYS A 6 -3.58 1.73 -8.45
C LYS A 6 -2.63 0.53 -8.39
N ALA A 7 -1.67 0.48 -9.28
CA ALA A 7 -0.72 -0.67 -9.29
C ALA A 7 0.58 -0.32 -8.55
N ASP A 8 1.49 -1.25 -8.50
CA ASP A 8 2.79 -0.99 -7.80
C ASP A 8 3.59 0.08 -8.55
N GLU A 9 4.75 0.42 -8.05
CA GLU A 9 5.60 1.49 -8.71
C GLU A 9 4.97 2.86 -8.46
N LYS A 10 3.77 3.08 -8.93
CA LYS A 10 3.08 4.40 -8.70
C LYS A 10 2.55 4.44 -7.26
N HYP A 11 3.18 5.27 -6.45
CA HYP A 11 2.80 5.36 -5.03
C HYP A 11 1.60 6.29 -4.78
O HYP A 11 0.95 6.75 -5.69
CB HYP A 11 4.06 5.95 -4.38
CG HYP A 11 4.77 6.69 -5.46
CD HYP A 11 4.27 6.18 -6.79
OD1 HYP A 11 4.59 8.10 -5.34
HA HYP A 11 2.61 4.39 -4.61
HB2 HYP A 11 3.77 6.63 -3.58
HB3 HYP A 11 4.67 5.16 -3.99
HG HYP A 11 5.83 6.45 -5.40
HD22 HYP A 11 5.04 5.67 -7.32
HD23 HYP A 11 3.90 7.02 -7.38
HD1 HYP A 11 3.68 8.33 -5.53
N CYS A 12 1.32 6.55 -3.52
CA CYS A 12 0.16 7.46 -3.19
C CYS A 12 0.46 8.22 -1.88
N GLU A 13 -0.45 9.07 -1.43
CA GLU A 13 -0.22 9.80 -0.15
C GLU A 13 -0.69 8.95 1.04
N TYR A 14 -1.85 8.34 0.94
CA TYR A 14 -2.36 7.48 2.06
C TYR A 14 -1.82 6.04 1.89
N HIS A 15 -2.63 5.03 2.13
CA HIS A 15 -2.16 3.62 1.97
C HIS A 15 -3.26 2.73 1.38
N ALA A 16 -4.23 3.31 0.70
CA ALA A 16 -5.32 2.46 0.12
C ALA A 16 -5.54 2.76 -1.39
N ASP A 17 -4.68 3.55 -1.99
CA ASP A 17 -4.87 3.85 -3.45
C ASP A 17 -4.46 2.64 -4.31
N CYS A 18 -3.44 1.94 -3.90
CA CYS A 18 -3.01 0.73 -4.68
C CYS A 18 -3.68 -0.50 -4.09
N CYS A 19 -3.77 -1.57 -4.85
CA CYS A 19 -4.41 -2.82 -4.28
C CYS A 19 -3.53 -3.42 -3.17
N ASN A 20 -2.43 -2.80 -2.82
CA ASN A 20 -1.56 -3.34 -1.74
C ASN A 20 -1.02 -2.20 -0.88
N CYS A 21 0.12 -1.63 -1.21
CA CYS A 21 0.68 -0.49 -0.40
C CYS A 21 1.18 0.63 -1.32
N CYS A 22 0.91 1.87 -0.99
CA CYS A 22 1.40 3.00 -1.83
C CYS A 22 2.12 4.03 -0.96
N LEU A 23 3.37 3.78 -0.61
CA LEU A 23 4.09 4.73 0.28
C LEU A 23 4.59 5.94 -0.50
N SER A 24 4.94 7.00 0.19
CA SER A 24 5.45 8.23 -0.50
C SER A 24 6.80 7.92 -1.16
N GLY A 25 6.75 7.21 -2.24
CA GLY A 25 7.99 6.84 -2.96
C GLY A 25 7.61 5.84 -4.07
N ILE A 26 6.85 4.82 -3.72
CA ILE A 26 6.41 3.83 -4.75
C ILE A 26 5.37 2.88 -4.15
N CYS A 27 4.54 2.29 -5.00
CA CYS A 27 3.52 1.32 -4.49
C CYS A 27 4.15 -0.07 -4.42
N ALA A 28 3.85 -0.81 -3.38
CA ALA A 28 4.43 -2.18 -3.23
C ALA A 28 3.32 -3.23 -3.12
N HYP A 29 3.64 -4.44 -3.53
CA HYP A 29 2.66 -5.56 -3.50
C HYP A 29 2.29 -5.94 -2.05
O HYP A 29 3.00 -5.61 -1.12
CB HYP A 29 3.40 -6.70 -4.19
CG HYP A 29 4.86 -6.38 -4.03
CD HYP A 29 4.94 -4.87 -4.08
OD1 HYP A 29 5.65 -6.96 -5.08
HA HYP A 29 1.78 -5.31 -4.06
HB2 HYP A 29 3.18 -7.64 -3.71
HB3 HYP A 29 3.15 -6.74 -5.24
HG HYP A 29 5.19 -6.71 -3.06
HD22 HYP A 29 5.06 -4.52 -5.09
HD23 HYP A 29 5.75 -4.52 -3.45
HD1 HYP A 29 6.58 -6.77 -4.92
N SER A 30 1.19 -6.62 -1.87
CA SER A 30 0.75 -7.01 -0.48
C SER A 30 1.34 -8.37 -0.06
N THR A 31 2.42 -8.81 -0.66
CA THR A 31 3.01 -10.11 -0.25
C THR A 31 3.82 -9.92 1.02
N ASN A 32 4.26 -8.71 1.29
CA ASN A 32 5.08 -8.46 2.51
C ASN A 32 4.16 -8.34 3.73
N TRP A 33 4.74 -8.09 4.87
CA TRP A 33 3.91 -7.98 6.12
C TRP A 33 4.44 -6.81 6.97
N ILE A 34 5.66 -6.89 7.41
CA ILE A 34 6.23 -5.77 8.24
C ILE A 34 7.40 -5.10 7.51
N LEU A 35 7.84 -5.66 6.42
CA LEU A 35 8.99 -5.06 5.66
C LEU A 35 8.64 -3.64 5.16
N PRO A 36 7.53 -3.50 4.47
CA PRO A 36 7.13 -2.18 3.93
C PRO A 36 6.50 -1.32 5.05
N GLY A 37 6.48 -0.03 4.86
CA GLY A 37 5.88 0.86 5.90
C GLY A 37 4.34 0.78 5.86
N CYS A 38 3.80 -0.40 5.98
CA CYS A 38 2.31 -0.57 5.97
C CYS A 38 1.96 -2.02 6.31
N SER A 39 1.98 -2.36 7.57
CA SER A 39 1.66 -3.76 7.96
C SER A 39 0.14 -4.00 7.94
N THR A 40 -0.49 -3.75 6.83
CA THR A 40 -1.97 -3.97 6.72
C THR A 40 -2.26 -5.41 6.30
N SER A 41 -1.40 -5.99 5.50
CA SER A 41 -1.62 -7.39 5.04
C SER A 41 -0.81 -8.37 5.92
N SER A 42 -1.44 -9.39 6.43
CA SER A 42 -0.71 -10.37 7.29
C SER A 42 -0.86 -11.78 6.71
N PHE A 43 -0.03 -12.70 7.13
CA PHE A 43 -0.13 -14.11 6.59
C PHE A 43 -0.61 -15.08 7.68
N PHE A 44 -1.24 -14.59 8.72
CA PHE A 44 -1.72 -15.49 9.79
C PHE A 44 -3.26 -15.48 9.83
N LYS A 45 -3.85 -15.53 11.01
CA LYS A 45 -5.35 -15.51 11.10
C LYS A 45 -5.81 -14.26 11.86
N ILE A 46 -6.96 -14.32 12.49
CA ILE A 46 -7.48 -13.15 13.24
C ILE A 46 -7.73 -13.55 14.70
N GLY A 1 -17.49 1.76 -1.74
CA GLY A 1 -18.21 1.44 -3.00
C GLY A 1 -17.26 0.71 -3.96
N HYP A 2 -17.72 0.48 -5.16
CA HYP A 2 -16.88 -0.21 -6.17
C HYP A 2 -15.74 0.70 -6.63
O HYP A 2 -15.77 1.27 -7.71
CB HYP A 2 -17.86 -0.49 -7.31
CG HYP A 2 -18.93 0.54 -7.18
CD HYP A 2 -19.04 0.83 -5.70
OD1 HYP A 2 -20.17 0.07 -7.71
HA HYP A 2 -16.50 -1.14 -5.77
HB2 HYP A 2 -17.36 -0.40 -8.26
HB3 HYP A 2 -18.27 -1.48 -7.21
HG HYP A 2 -18.62 1.43 -7.68
HD22 HYP A 2 -19.80 0.21 -5.24
HD23 HYP A 2 -19.26 1.87 -5.54
HD1 HYP A 2 -20.78 0.80 -7.81
N SER A 3 -14.72 0.85 -5.82
CA SER A 3 -13.57 1.72 -6.20
C SER A 3 -12.41 0.88 -6.73
N PHE A 4 -11.82 1.27 -7.83
CA PHE A 4 -10.67 0.48 -8.38
C PHE A 4 -9.40 0.79 -7.57
N CYS A 5 -8.29 0.18 -7.92
CA CYS A 5 -7.04 0.45 -7.15
C CYS A 5 -5.87 0.74 -8.10
N LYS A 6 -4.85 1.37 -7.59
CA LYS A 6 -3.65 1.72 -8.41
C LYS A 6 -2.67 0.54 -8.46
N ALA A 7 -1.62 0.65 -9.23
CA ALA A 7 -0.62 -0.45 -9.33
C ALA A 7 0.67 -0.10 -8.59
N ASP A 8 1.65 -0.95 -8.67
CA ASP A 8 2.95 -0.71 -7.98
C ASP A 8 3.71 0.45 -8.63
N GLU A 9 4.91 0.74 -8.15
CA GLU A 9 5.76 1.85 -8.71
C GLU A 9 5.13 3.22 -8.39
N LYS A 10 3.93 3.44 -8.82
CA LYS A 10 3.24 4.75 -8.55
C LYS A 10 2.81 4.82 -7.07
N HYP A 11 3.50 5.62 -6.29
CA HYP A 11 3.19 5.72 -4.84
C HYP A 11 2.09 6.76 -4.58
O HYP A 11 1.56 7.35 -5.49
CB HYP A 11 4.50 6.19 -4.25
CG HYP A 11 5.22 6.92 -5.34
CD HYP A 11 4.62 6.49 -6.66
OD1 HYP A 11 5.11 8.34 -5.17
HA HYP A 11 2.92 4.76 -4.44
HB2 HYP A 11 4.31 6.84 -3.41
HB3 HYP A 11 5.10 5.34 -3.93
HG HYP A 11 6.26 6.63 -5.33
HD22 HYP A 11 5.34 5.95 -7.24
HD23 HYP A 11 4.26 7.35 -7.21
HD1 HYP A 11 5.17 8.56 -4.23
N CYS A 12 1.77 6.98 -3.33
CA CYS A 12 0.71 8.00 -2.99
C CYS A 12 0.66 8.24 -1.48
N GLU A 13 -0.32 8.98 -1.01
CA GLU A 13 -0.41 9.25 0.47
C GLU A 13 -1.40 8.28 1.12
N TYR A 14 -2.48 7.94 0.45
CA TYR A 14 -3.46 6.99 1.04
C TYR A 14 -3.17 5.58 0.53
N HIS A 15 -2.53 4.77 1.33
CA HIS A 15 -2.17 3.38 0.93
C HIS A 15 -3.30 2.72 0.11
N ALA A 16 -4.53 2.95 0.48
CA ALA A 16 -5.67 2.31 -0.27
C ALA A 16 -5.64 2.64 -1.77
N ASP A 17 -5.03 3.74 -2.16
CA ASP A 17 -4.97 4.07 -3.62
C ASP A 17 -4.46 2.86 -4.40
N CYS A 18 -3.46 2.19 -3.89
CA CYS A 18 -2.92 0.98 -4.59
C CYS A 18 -3.58 -0.27 -4.01
N CYS A 19 -3.69 -1.32 -4.79
CA CYS A 19 -4.31 -2.59 -4.26
C CYS A 19 -3.55 -3.12 -3.02
N ASN A 20 -2.41 -2.55 -2.70
CA ASN A 20 -1.63 -3.03 -1.52
C ASN A 20 -1.18 -1.85 -0.66
N CYS A 21 -0.16 -1.14 -1.09
CA CYS A 21 0.34 0.04 -0.30
C CYS A 21 1.08 1.03 -1.21
N CYS A 22 0.93 2.31 -0.97
CA CYS A 22 1.65 3.32 -1.83
C CYS A 22 2.60 4.15 -0.95
N LEU A 23 3.80 3.67 -0.73
CA LEU A 23 4.75 4.43 0.13
C LEU A 23 5.31 5.61 -0.64
N SER A 24 5.60 6.70 0.02
CA SER A 24 6.14 7.92 -0.67
C SER A 24 7.17 7.54 -1.74
N GLY A 25 8.00 6.58 -1.46
CA GLY A 25 9.02 6.15 -2.46
C GLY A 25 8.34 5.51 -3.68
N ILE A 26 7.47 4.55 -3.46
CA ILE A 26 6.78 3.87 -4.61
C ILE A 26 5.67 2.93 -4.09
N CYS A 27 4.75 2.54 -4.95
CA CYS A 27 3.67 1.60 -4.48
C CYS A 27 4.22 0.17 -4.49
N ALA A 28 3.90 -0.61 -3.49
CA ALA A 28 4.41 -2.01 -3.44
C ALA A 28 3.28 -2.98 -3.07
N HYP A 29 3.48 -4.24 -3.40
CA HYP A 29 2.47 -5.28 -3.09
C HYP A 29 2.40 -5.55 -1.57
O HYP A 29 3.30 -5.20 -0.83
CB HYP A 29 2.98 -6.50 -3.84
CG HYP A 29 4.46 -6.29 -3.98
CD HYP A 29 4.65 -4.81 -4.07
OD1 HYP A 29 4.99 -6.94 -5.14
HA HYP A 29 1.50 -4.99 -3.45
HB2 HYP A 29 2.77 -7.41 -3.29
HB3 HYP A 29 2.52 -6.55 -4.81
HG HYP A 29 4.95 -6.65 -3.09
HD22 HYP A 29 4.66 -4.49 -5.11
HD23 HYP A 29 5.56 -4.51 -3.58
HD1 HYP A 29 4.93 -7.90 -5.05
N SER A 30 1.34 -6.15 -1.12
CA SER A 30 1.21 -6.43 0.34
C SER A 30 2.09 -7.62 0.77
N THR A 31 2.82 -8.22 -0.12
CA THR A 31 3.69 -9.37 0.28
C THR A 31 4.99 -8.85 0.94
N ASN A 32 4.86 -7.99 1.91
CA ASN A 32 6.07 -7.45 2.60
C ASN A 32 6.38 -8.27 3.84
N TRP A 33 7.46 -7.98 4.50
CA TRP A 33 7.83 -8.76 5.72
C TRP A 33 8.42 -7.82 6.78
N ILE A 34 9.56 -7.23 6.53
CA ILE A 34 10.16 -6.28 7.52
C ILE A 34 9.79 -4.83 7.16
N LEU A 35 8.74 -4.66 6.40
CA LEU A 35 8.31 -3.28 5.99
C LEU A 35 6.90 -2.97 6.50
N PRO A 36 6.75 -2.94 7.80
CA PRO A 36 5.43 -2.65 8.41
C PRO A 36 5.11 -1.14 8.33
N GLY A 37 5.02 -0.60 7.15
CA GLY A 37 4.72 0.86 7.01
C GLY A 37 3.28 1.06 6.53
N CYS A 38 2.39 0.15 6.82
CA CYS A 38 0.97 0.31 6.38
C CYS A 38 0.01 -0.01 7.55
N SER A 39 0.37 0.37 8.74
CA SER A 39 -0.51 0.08 9.91
C SER A 39 -0.94 1.38 10.60
N THR A 40 -2.17 1.78 10.41
CA THR A 40 -2.66 3.05 11.04
C THR A 40 -3.97 2.77 11.81
N SER A 41 -4.94 2.19 11.16
CA SER A 41 -6.23 1.89 11.86
C SER A 41 -6.10 0.65 12.75
N SER A 42 -5.83 0.85 14.01
CA SER A 42 -5.69 -0.32 14.94
C SER A 42 -6.52 -0.10 16.21
N PHE A 43 -6.28 0.99 16.91
CA PHE A 43 -7.06 1.27 18.15
C PHE A 43 -7.65 2.69 18.10
N PHE A 44 -7.97 3.18 16.93
CA PHE A 44 -8.55 4.54 16.81
C PHE A 44 -10.08 4.45 16.88
N LYS A 45 -10.70 5.26 17.69
CA LYS A 45 -12.20 5.22 17.81
C LYS A 45 -12.83 6.54 17.31
N ILE A 46 -14.00 6.86 17.78
CA ILE A 46 -14.68 8.12 17.35
C ILE A 46 -14.97 9.02 18.56
N GLY A 1 -18.14 6.26 -13.95
CA GLY A 1 -17.61 5.05 -14.65
C GLY A 1 -17.13 4.04 -13.61
N HYP A 2 -16.48 2.99 -14.09
CA HYP A 2 -15.96 1.95 -13.18
C HYP A 2 -14.76 2.47 -12.40
O HYP A 2 -14.20 3.52 -12.73
CB HYP A 2 -15.54 0.83 -14.13
CG HYP A 2 -15.26 1.50 -15.44
CD HYP A 2 -16.18 2.70 -15.50
OD1 HYP A 2 -15.47 0.63 -16.54
HA HYP A 2 -16.73 1.60 -12.52
HB2 HYP A 2 -14.64 0.34 -13.77
HB3 HYP A 2 -16.33 0.11 -14.25
HG HYP A 2 -14.24 1.86 -15.44
HD22 HYP A 2 -17.09 2.45 -16.02
HD23 HYP A 2 -15.70 3.54 -15.97
HD1 HYP A 2 -14.90 -0.15 -16.46
N SER A 3 -14.35 1.79 -11.37
CA SER A 3 -13.18 2.25 -10.57
C SER A 3 -12.23 1.09 -10.26
N PHE A 4 -11.08 1.39 -9.69
CA PHE A 4 -10.11 0.31 -9.37
C PHE A 4 -9.02 0.85 -8.42
N CYS A 5 -8.11 0.02 -7.98
CA CYS A 5 -7.04 0.51 -7.07
C CYS A 5 -5.77 0.83 -7.88
N LYS A 6 -4.87 1.61 -7.31
CA LYS A 6 -3.61 1.97 -8.04
C LYS A 6 -2.68 0.74 -8.11
N ALA A 7 -1.75 0.77 -9.03
CA ALA A 7 -0.81 -0.39 -9.18
C ALA A 7 0.53 -0.12 -8.47
N ASP A 8 1.41 -1.09 -8.50
CA ASP A 8 2.76 -0.94 -7.83
C ASP A 8 3.58 0.14 -8.53
N GLU A 9 4.75 0.44 -8.00
CA GLU A 9 5.65 1.48 -8.60
C GLU A 9 5.05 2.88 -8.39
N LYS A 10 3.85 3.11 -8.84
CA LYS A 10 3.20 4.46 -8.65
C LYS A 10 2.66 4.57 -7.23
N HYP A 11 3.33 5.35 -6.41
CA HYP A 11 2.92 5.49 -5.00
C HYP A 11 1.70 6.39 -4.83
O HYP A 11 1.07 6.78 -5.79
CB HYP A 11 4.14 6.14 -4.35
CG HYP A 11 4.86 6.88 -5.44
CD HYP A 11 4.51 6.18 -6.74
OD1 HYP A 11 4.50 8.26 -5.46
HA HYP A 11 2.76 4.52 -4.56
HB2 HYP A 11 3.84 6.83 -3.58
HB3 HYP A 11 4.79 5.38 -3.94
HG HYP A 11 5.92 6.76 -5.28
HD22 HYP A 11 5.32 5.56 -7.06
HD23 HYP A 11 4.26 6.90 -7.50
HD1 HYP A 11 4.61 8.63 -4.57
N CYS A 12 1.35 6.69 -3.60
CA CYS A 12 0.15 7.54 -3.35
C CYS A 12 0.34 8.33 -2.04
N GLU A 13 -0.68 9.02 -1.59
CA GLU A 13 -0.57 9.81 -0.31
C GLU A 13 -0.90 8.90 0.90
N TYR A 14 -1.93 8.11 0.80
CA TYR A 14 -2.29 7.21 1.94
C TYR A 14 -1.72 5.80 1.70
N HIS A 15 -2.43 4.77 2.10
CA HIS A 15 -1.91 3.39 1.87
C HIS A 15 -2.96 2.51 1.14
N ALA A 16 -4.20 2.95 1.06
CA ALA A 16 -5.24 2.11 0.36
C ALA A 16 -5.45 2.53 -1.10
N ASP A 17 -4.75 3.53 -1.57
CA ASP A 17 -4.93 3.95 -3.00
C ASP A 17 -4.52 2.78 -3.92
N CYS A 18 -3.45 2.11 -3.59
CA CYS A 18 -2.99 0.94 -4.40
C CYS A 18 -3.76 -0.31 -4.00
N CYS A 19 -3.76 -1.32 -4.84
CA CYS A 19 -4.45 -2.59 -4.47
C CYS A 19 -3.80 -3.23 -3.23
N ASN A 20 -2.68 -2.69 -2.77
CA ASN A 20 -1.99 -3.25 -1.57
C ASN A 20 -1.41 -2.12 -0.71
N CYS A 21 -0.32 -1.52 -1.12
CA CYS A 21 0.29 -0.41 -0.30
C CYS A 21 1.01 0.60 -1.21
N CYS A 22 0.64 1.85 -1.13
CA CYS A 22 1.33 2.88 -1.98
C CYS A 22 2.05 3.91 -1.10
N LEU A 23 3.27 3.63 -0.71
CA LEU A 23 4.02 4.62 0.15
C LEU A 23 4.54 5.76 -0.73
N SER A 24 4.62 6.95 -0.19
CA SER A 24 5.11 8.12 -0.99
C SER A 24 6.29 7.73 -1.88
N GLY A 25 7.19 6.94 -1.39
CA GLY A 25 8.37 6.52 -2.20
C GLY A 25 7.90 5.77 -3.43
N ILE A 26 7.10 4.75 -3.26
CA ILE A 26 6.59 3.95 -4.44
C ILE A 26 5.51 2.97 -3.98
N CYS A 27 4.69 2.49 -4.89
CA CYS A 27 3.63 1.51 -4.48
C CYS A 27 4.21 0.10 -4.47
N ALA A 28 3.80 -0.71 -3.52
CA ALA A 28 4.33 -2.10 -3.44
C ALA A 28 3.18 -3.11 -3.29
N HYP A 29 3.41 -4.30 -3.79
CA HYP A 29 2.38 -5.37 -3.72
C HYP A 29 2.35 -6.01 -2.33
O HYP A 29 3.31 -5.92 -1.56
CB HYP A 29 2.86 -6.39 -4.76
CG HYP A 29 4.33 -6.17 -4.90
CD HYP A 29 4.61 -4.75 -4.49
OD1 HYP A 29 4.78 -6.42 -6.23
HA HYP A 29 1.42 -4.99 -4.00
HB2 HYP A 29 2.67 -7.40 -4.39
HB3 HYP A 29 2.37 -6.23 -5.70
HG HYP A 29 4.84 -6.82 -4.21
HD22 HYP A 29 4.78 -4.13 -5.36
HD23 HYP A 29 5.47 -4.71 -3.84
HD1 HYP A 29 4.53 -5.69 -6.81
N SER A 30 1.27 -6.66 -2.00
CA SER A 30 1.18 -7.32 -0.65
C SER A 30 2.14 -8.52 -0.59
N THR A 31 2.29 -9.20 -1.70
CA THR A 31 3.22 -10.37 -1.74
C THR A 31 4.66 -9.85 -1.85
N ASN A 32 5.22 -9.40 -0.75
CA ASN A 32 6.61 -8.85 -0.81
C ASN A 32 7.58 -9.76 -0.04
N TRP A 33 8.78 -9.30 0.17
CA TRP A 33 9.78 -10.13 0.91
C TRP A 33 10.60 -9.24 1.86
N ILE A 34 11.30 -8.27 1.33
CA ILE A 34 12.13 -7.38 2.20
C ILE A 34 11.77 -5.90 2.00
N LEU A 35 11.12 -5.56 0.92
CA LEU A 35 10.77 -4.13 0.70
C LEU A 35 9.72 -3.67 1.74
N PRO A 36 10.00 -2.54 2.35
CA PRO A 36 9.06 -2.01 3.37
C PRO A 36 7.77 -1.49 2.74
N GLY A 37 6.89 -2.37 2.36
CA GLY A 37 5.60 -1.95 1.74
C GLY A 37 4.69 -1.35 2.82
N CYS A 38 4.52 -2.03 3.92
CA CYS A 38 3.64 -1.51 5.03
C CYS A 38 3.62 -2.50 6.19
N SER A 39 4.38 -2.26 7.22
CA SER A 39 4.40 -3.21 8.37
C SER A 39 3.82 -2.53 9.63
N THR A 40 2.81 -3.11 10.22
CA THR A 40 2.21 -2.50 11.44
C THR A 40 2.49 -3.40 12.67
N SER A 41 2.39 -2.86 13.86
CA SER A 41 2.67 -3.69 15.08
C SER A 41 1.50 -4.61 15.42
N SER A 42 1.17 -5.52 14.54
CA SER A 42 0.03 -6.47 14.82
C SER A 42 0.51 -7.58 15.78
N PHE A 43 0.87 -7.23 16.98
CA PHE A 43 1.35 -8.26 17.96
C PHE A 43 0.20 -8.80 18.80
N PHE A 44 -0.49 -7.94 19.49
CA PHE A 44 -1.62 -8.41 20.34
C PHE A 44 -2.96 -8.05 19.69
N LYS A 45 -3.97 -8.84 19.95
CA LYS A 45 -5.31 -8.57 19.36
C LYS A 45 -6.10 -7.62 20.27
N ILE A 46 -6.92 -6.78 19.69
CA ILE A 46 -7.73 -5.82 20.50
C ILE A 46 -8.87 -6.58 21.19
N GLY A 1 -14.11 -6.75 -11.56
CA GLY A 1 -14.91 -6.13 -10.47
C GLY A 1 -15.24 -4.68 -10.86
N HYP A 2 -16.27 -4.13 -10.26
CA HYP A 2 -16.67 -2.74 -10.57
C HYP A 2 -15.68 -1.72 -9.96
O HYP A 2 -15.66 -0.56 -10.34
CB HYP A 2 -18.05 -2.61 -9.94
CG HYP A 2 -18.09 -3.62 -8.84
CD HYP A 2 -17.14 -4.74 -9.26
OD1 HYP A 2 -19.41 -4.11 -8.62
HA HYP A 2 -16.74 -2.58 -11.63
HB2 HYP A 2 -18.19 -1.62 -9.52
HB3 HYP A 2 -18.81 -2.82 -10.67
HG HYP A 2 -17.70 -3.16 -7.94
HD22 HYP A 2 -17.70 -5.56 -9.69
HD23 HYP A 2 -16.57 -5.09 -8.40
HD1 HYP A 2 -19.67 -4.72 -9.32
N SER A 3 -14.90 -2.13 -9.00
CA SER A 3 -13.92 -1.18 -8.36
C SER A 3 -12.48 -1.57 -8.72
N PHE A 4 -11.64 -0.60 -8.92
CA PHE A 4 -10.21 -0.89 -9.26
C PHE A 4 -9.28 -0.19 -8.26
N CYS A 5 -8.01 -0.16 -8.54
CA CYS A 5 -7.04 0.52 -7.61
C CYS A 5 -5.76 0.89 -8.36
N LYS A 6 -4.84 1.56 -7.70
CA LYS A 6 -3.57 1.96 -8.38
C LYS A 6 -2.61 0.75 -8.39
N ALA A 7 -1.68 0.74 -9.31
CA ALA A 7 -0.74 -0.42 -9.40
C ALA A 7 0.56 -0.15 -8.65
N ASP A 8 1.45 -1.11 -8.64
CA ASP A 8 2.75 -0.93 -7.93
C ASP A 8 3.57 0.17 -8.61
N GLU A 9 4.76 0.44 -8.10
CA GLU A 9 5.64 1.50 -8.70
C GLU A 9 5.06 2.89 -8.43
N LYS A 10 3.86 3.16 -8.85
CA LYS A 10 3.25 4.50 -8.61
C LYS A 10 2.77 4.60 -7.16
N HYP A 11 3.48 5.37 -6.36
CA HYP A 11 3.13 5.51 -4.93
C HYP A 11 2.02 6.52 -4.70
O HYP A 11 1.45 7.07 -5.64
CB HYP A 11 4.43 6.02 -4.30
CG HYP A 11 5.16 6.72 -5.41
CD HYP A 11 4.64 6.19 -6.73
OD1 HYP A 11 4.96 8.13 -5.33
HA HYP A 11 2.88 4.55 -4.51
HB2 HYP A 11 4.20 6.72 -3.51
HB3 HYP A 11 5.02 5.20 -3.93
HG HYP A 11 6.21 6.49 -5.33
HD22 HYP A 11 5.39 5.60 -7.22
HD23 HYP A 11 4.34 7.03 -7.34
HD1 HYP A 11 4.04 8.31 -5.58
N CYS A 12 1.70 6.81 -3.46
CA CYS A 12 0.63 7.81 -3.17
C CYS A 12 0.53 8.10 -1.66
N GLU A 13 -0.44 8.88 -1.25
CA GLU A 13 -0.58 9.19 0.20
C GLU A 13 -1.54 8.16 0.84
N TYR A 14 -2.69 8.00 0.26
CA TYR A 14 -3.67 7.00 0.81
C TYR A 14 -3.23 5.59 0.42
N HIS A 15 -2.55 4.92 1.32
CA HIS A 15 -2.05 3.52 1.02
C HIS A 15 -3.11 2.68 0.28
N ALA A 16 -4.37 2.91 0.54
CA ALA A 16 -5.44 2.11 -0.13
C ALA A 16 -5.56 2.47 -1.63
N ASP A 17 -5.00 3.59 -2.05
CA ASP A 17 -5.08 3.96 -3.50
C ASP A 17 -4.58 2.80 -4.37
N CYS A 18 -3.52 2.16 -3.97
CA CYS A 18 -3.00 1.02 -4.76
C CYS A 18 -3.69 -0.27 -4.33
N CYS A 19 -3.53 -1.33 -5.08
CA CYS A 19 -4.17 -2.63 -4.66
C CYS A 19 -3.35 -3.31 -3.55
N ASN A 20 -2.53 -2.55 -2.84
CA ASN A 20 -1.68 -3.12 -1.76
C ASN A 20 -1.19 -1.98 -0.84
N CYS A 21 -0.19 -1.25 -1.27
CA CYS A 21 0.35 -0.11 -0.42
C CYS A 21 1.08 0.91 -1.30
N CYS A 22 0.94 2.18 -1.03
CA CYS A 22 1.64 3.21 -1.85
C CYS A 22 2.57 4.08 -0.98
N LEU A 23 3.76 3.63 -0.71
CA LEU A 23 4.69 4.44 0.14
C LEU A 23 5.26 5.59 -0.69
N SER A 24 5.61 6.68 -0.05
CA SER A 24 6.18 7.87 -0.79
C SER A 24 7.20 7.43 -1.84
N GLY A 25 7.99 6.44 -1.53
CA GLY A 25 9.01 5.97 -2.51
C GLY A 25 8.33 5.33 -3.72
N ILE A 26 7.44 4.38 -3.50
CA ILE A 26 6.75 3.69 -4.64
C ILE A 26 5.64 2.76 -4.11
N CYS A 27 4.73 2.34 -4.95
CA CYS A 27 3.65 1.41 -4.47
C CYS A 27 4.19 -0.04 -4.42
N ALA A 28 3.84 -0.78 -3.39
CA ALA A 28 4.34 -2.18 -3.26
C ALA A 28 3.20 -3.11 -2.82
N HYP A 29 3.40 -4.40 -3.01
CA HYP A 29 2.38 -5.41 -2.63
C HYP A 29 2.16 -5.49 -1.12
O HYP A 29 2.79 -4.80 -0.35
CB HYP A 29 2.98 -6.72 -3.14
CG HYP A 29 4.45 -6.48 -3.20
CD HYP A 29 4.59 -5.02 -3.59
OD1 HYP A 29 5.10 -7.35 -4.12
HA HYP A 29 1.45 -5.22 -3.14
HB2 HYP A 29 2.75 -7.54 -2.46
HB3 HYP A 29 2.61 -6.95 -4.12
HG HYP A 29 4.88 -6.61 -2.21
HD22 HYP A 29 4.58 -4.92 -4.67
HD23 HYP A 29 5.50 -4.60 -3.17
HD1 HYP A 29 5.93 -6.97 -4.42
N SER A 30 1.26 -6.36 -0.69
CA SER A 30 0.98 -6.51 0.77
C SER A 30 2.13 -7.28 1.46
N THR A 31 2.98 -7.92 0.69
CA THR A 31 4.11 -8.68 1.30
C THR A 31 5.22 -7.70 1.72
N ASN A 32 4.96 -6.89 2.71
CA ASN A 32 5.98 -5.89 3.14
C ASN A 32 6.90 -6.51 4.20
N TRP A 33 7.80 -7.35 3.78
CA TRP A 33 8.74 -8.00 4.76
C TRP A 33 9.88 -7.02 5.12
N ILE A 34 11.06 -7.19 4.58
CA ILE A 34 12.19 -6.24 4.91
C ILE A 34 11.82 -4.79 4.55
N LEU A 35 10.77 -4.58 3.79
CA LEU A 35 10.35 -3.18 3.42
C LEU A 35 8.94 -2.88 3.94
N PRO A 36 8.86 -2.70 5.24
CA PRO A 36 7.55 -2.38 5.88
C PRO A 36 7.13 -0.94 5.59
N GLY A 37 6.06 -0.48 6.18
CA GLY A 37 5.59 0.92 5.92
C GLY A 37 4.08 1.04 6.18
N CYS A 38 3.31 0.05 5.82
CA CYS A 38 1.83 0.13 6.05
C CYS A 38 1.32 -1.16 6.72
N SER A 39 0.41 -1.04 7.64
CA SER A 39 -0.14 -2.26 8.32
C SER A 39 -1.68 -2.18 8.41
N THR A 40 -2.31 -1.64 7.40
CA THR A 40 -3.80 -1.55 7.42
C THR A 40 -4.42 -2.75 6.68
N SER A 41 -4.47 -3.88 7.34
CA SER A 41 -5.05 -5.09 6.68
C SER A 41 -6.32 -5.55 7.43
N SER A 42 -7.34 -4.75 7.44
CA SER A 42 -8.60 -5.14 8.15
C SER A 42 -9.77 -4.26 7.69
N PHE A 43 -10.68 -4.81 6.91
CA PHE A 43 -11.84 -4.00 6.45
C PHE A 43 -12.90 -3.91 7.56
N PHE A 44 -12.60 -3.20 8.61
CA PHE A 44 -13.57 -3.07 9.74
C PHE A 44 -14.72 -2.14 9.36
N LYS A 45 -15.93 -2.58 9.52
CA LYS A 45 -17.11 -1.74 9.17
C LYS A 45 -18.15 -1.80 10.30
N ILE A 46 -19.41 -1.68 9.97
CA ILE A 46 -20.48 -1.77 11.02
C ILE A 46 -20.92 -3.22 11.20
N GLY A 1 -8.40 -0.03 -1.27
CA GLY A 1 -9.67 0.74 -1.10
C GLY A 1 -10.83 -0.02 -1.77
N HYP A 2 -11.53 0.66 -2.65
CA HYP A 2 -12.67 0.04 -3.36
C HYP A 2 -12.17 -0.96 -4.42
O HYP A 2 -11.03 -1.39 -4.39
CB HYP A 2 -13.37 1.23 -4.03
CG HYP A 2 -12.31 2.27 -4.18
CD HYP A 2 -11.33 2.07 -3.06
OD1 HYP A 2 -12.87 3.59 -4.17
HA HYP A 2 -13.34 -0.43 -2.67
HB2 HYP A 2 -13.76 0.94 -5.00
HB3 HYP A 2 -14.16 1.60 -3.40
HG HYP A 2 -11.79 2.11 -5.13
HD22 HYP A 2 -11.55 2.72 -2.24
HD23 HYP A 2 -10.31 2.21 -3.40
HD1 HYP A 2 -12.16 4.24 -4.29
N SER A 3 -13.02 -1.33 -5.34
CA SER A 3 -12.60 -2.31 -6.40
C SER A 3 -11.48 -1.71 -7.27
N PHE A 4 -11.69 -0.52 -7.79
CA PHE A 4 -10.63 0.12 -8.62
C PHE A 4 -9.44 0.49 -7.72
N CYS A 5 -8.24 0.41 -8.22
CA CYS A 5 -7.06 0.75 -7.37
C CYS A 5 -5.84 1.16 -8.21
N LYS A 6 -4.83 1.67 -7.56
CA LYS A 6 -3.59 2.09 -8.27
C LYS A 6 -2.68 0.87 -8.43
N ALA A 7 -1.77 0.91 -9.37
CA ALA A 7 -0.86 -0.26 -9.60
C ALA A 7 0.48 -0.04 -8.87
N ASP A 8 1.32 -1.03 -8.89
CA ASP A 8 2.65 -0.91 -8.20
C ASP A 8 3.49 0.20 -8.86
N GLU A 9 4.63 0.51 -8.28
CA GLU A 9 5.54 1.58 -8.81
C GLU A 9 4.94 2.98 -8.59
N LYS A 10 3.72 3.21 -8.99
CA LYS A 10 3.09 4.55 -8.78
C LYS A 10 2.48 4.60 -7.37
N HYP A 11 3.17 5.26 -6.47
CA HYP A 11 2.72 5.35 -5.05
C HYP A 11 1.45 6.18 -4.88
O HYP A 11 0.75 6.50 -5.84
CB HYP A 11 3.90 6.02 -4.36
CG HYP A 11 4.59 6.79 -5.42
CD HYP A 11 4.41 6.02 -6.69
OD1 HYP A 11 4.07 8.11 -5.53
HA HYP A 11 2.57 4.35 -4.65
HB2 HYP A 11 3.54 6.68 -3.59
HB3 HYP A 11 4.57 5.28 -3.94
HG HYP A 11 5.66 6.82 -5.19
HD22 HYP A 11 5.24 5.35 -6.84
HD23 HYP A 11 4.30 6.69 -7.52
HD1 HYP A 11 4.31 8.62 -4.74
N CYS A 12 1.13 6.55 -3.66
CA CYS A 12 -0.10 7.36 -3.38
C CYS A 12 0.11 8.24 -2.15
N GLU A 13 -0.95 8.79 -1.62
CA GLU A 13 -0.82 9.67 -0.42
C GLU A 13 -1.08 8.85 0.86
N TYR A 14 -1.96 7.88 0.79
CA TYR A 14 -2.25 7.04 1.99
C TYR A 14 -1.78 5.60 1.72
N HIS A 15 -2.62 4.61 1.92
CA HIS A 15 -2.18 3.20 1.65
C HIS A 15 -3.26 2.39 0.90
N ALA A 16 -4.51 2.81 0.93
CA ALA A 16 -5.57 2.04 0.22
C ALA A 16 -5.69 2.46 -1.26
N ASP A 17 -4.89 3.40 -1.71
CA ASP A 17 -4.95 3.84 -3.13
C ASP A 17 -4.53 2.69 -4.06
N CYS A 18 -3.52 1.96 -3.67
CA CYS A 18 -3.06 0.82 -4.51
C CYS A 18 -3.81 -0.45 -4.13
N CYS A 19 -3.86 -1.42 -5.02
CA CYS A 19 -4.55 -2.71 -4.66
C CYS A 19 -3.84 -3.40 -3.49
N ASN A 20 -2.69 -2.90 -3.08
CA ASN A 20 -1.95 -3.53 -1.95
C ASN A 20 -1.33 -2.43 -1.07
N CYS A 21 -0.28 -1.78 -1.53
CA CYS A 21 0.36 -0.70 -0.70
C CYS A 21 0.96 0.39 -1.59
N CYS A 22 0.94 1.63 -1.16
CA CYS A 22 1.53 2.72 -2.00
C CYS A 22 2.20 3.77 -1.12
N LEU A 23 3.42 3.52 -0.71
CA LEU A 23 4.12 4.50 0.17
C LEU A 23 4.62 5.67 -0.67
N SER A 24 4.84 6.81 -0.07
CA SER A 24 5.31 8.02 -0.83
C SER A 24 6.45 7.64 -1.79
N GLY A 25 7.29 6.72 -1.38
CA GLY A 25 8.42 6.31 -2.26
C GLY A 25 7.87 5.64 -3.53
N ILE A 26 7.03 4.64 -3.39
CA ILE A 26 6.47 3.95 -4.59
C ILE A 26 5.37 2.94 -4.18
N CYS A 27 4.56 2.50 -5.12
CA CYS A 27 3.49 1.51 -4.79
C CYS A 27 4.09 0.09 -4.82
N ALA A 28 3.66 -0.76 -3.92
CA ALA A 28 4.20 -2.15 -3.88
C ALA A 28 3.19 -3.11 -3.25
N HYP A 29 3.51 -4.39 -3.29
CA HYP A 29 2.62 -5.43 -2.71
C HYP A 29 2.58 -5.33 -1.17
O HYP A 29 3.43 -4.69 -0.57
CB HYP A 29 3.26 -6.75 -3.14
CG HYP A 29 4.70 -6.42 -3.37
CD HYP A 29 4.73 -4.99 -3.86
OD1 HYP A 29 5.32 -7.31 -4.31
HA HYP A 29 1.62 -5.35 -3.11
HB2 HYP A 29 3.16 -7.48 -2.35
HB3 HYP A 29 2.81 -7.11 -4.05
HG HYP A 29 5.23 -6.47 -2.43
HD22 HYP A 29 4.69 -4.97 -4.94
HD23 HYP A 29 5.62 -4.49 -3.50
HD1 HYP A 29 5.11 -7.03 -5.21
N SER A 30 1.60 -5.93 -0.55
CA SER A 30 1.50 -5.85 0.95
C SER A 30 2.08 -7.10 1.62
N THR A 31 2.64 -8.02 0.88
CA THR A 31 3.21 -9.24 1.51
C THR A 31 4.59 -8.91 2.12
N ASN A 32 4.59 -8.47 3.36
CA ASN A 32 5.88 -8.10 4.02
C ASN A 32 6.10 -9.02 5.25
N TRP A 33 7.31 -9.06 5.73
CA TRP A 33 7.61 -9.92 6.93
C TRP A 33 8.42 -9.12 7.96
N ILE A 34 9.65 -8.79 7.67
CA ILE A 34 10.46 -7.98 8.64
C ILE A 34 10.51 -6.52 8.16
N LEU A 35 9.66 -6.16 7.24
CA LEU A 35 9.65 -4.76 6.72
C LEU A 35 8.38 -4.05 7.22
N PRO A 36 8.56 -3.14 8.15
CA PRO A 36 7.41 -2.38 8.71
C PRO A 36 6.84 -1.40 7.67
N GLY A 37 6.35 -1.90 6.57
CA GLY A 37 5.78 -1.01 5.52
C GLY A 37 4.25 -0.97 5.65
N CYS A 38 3.60 -2.10 5.57
CA CYS A 38 2.12 -2.11 5.71
C CYS A 38 1.69 -2.93 6.92
N SER A 39 2.30 -2.69 8.06
CA SER A 39 1.90 -3.45 9.30
C SER A 39 1.18 -2.51 10.25
N THR A 40 -0.07 -2.25 9.99
CA THR A 40 -0.86 -1.32 10.84
C THR A 40 -1.02 -1.86 12.28
N SER A 41 -1.04 -3.15 12.45
CA SER A 41 -1.19 -3.73 13.82
C SER A 41 0.17 -4.17 14.38
N SER A 42 1.14 -3.29 14.43
CA SER A 42 2.47 -3.68 14.99
C SER A 42 3.30 -2.45 15.32
N PHE A 43 3.66 -2.29 16.57
CA PHE A 43 4.49 -1.11 16.99
C PHE A 43 5.77 -1.60 17.68
N PHE A 44 6.43 -2.56 17.08
CA PHE A 44 7.68 -3.11 17.68
C PHE A 44 8.91 -2.50 17.00
N LYS A 45 10.02 -3.19 17.03
CA LYS A 45 11.25 -2.66 16.37
C LYS A 45 11.26 -3.07 14.89
N ILE A 46 12.39 -3.38 14.34
CA ILE A 46 12.46 -3.81 12.91
C ILE A 46 12.29 -5.34 12.82
N GLY A 1 -15.57 1.47 -0.82
CA GLY A 1 -16.09 0.47 -1.80
C GLY A 1 -14.94 -0.01 -2.68
N HYP A 2 -14.92 -1.29 -2.94
CA HYP A 2 -13.85 -1.89 -3.79
C HYP A 2 -14.06 -1.53 -5.27
O HYP A 2 -15.11 -1.74 -5.83
CB HYP A 2 -14.00 -3.38 -3.58
CG HYP A 2 -15.42 -3.59 -3.17
CD HYP A 2 -15.87 -2.32 -2.48
OD1 HYP A 2 -15.57 -4.73 -2.32
HA HYP A 2 -12.88 -1.56 -3.45
HB2 HYP A 2 -13.79 -3.92 -4.48
HB3 HYP A 2 -13.35 -3.72 -2.78
HG HYP A 2 -16.02 -3.71 -4.07
HD22 HYP A 2 -15.81 -2.43 -1.41
HD23 HYP A 2 -16.88 -2.05 -2.78
HD1 HYP A 2 -16.46 -5.08 -2.41
N SER A 3 -13.04 -1.01 -5.90
CA SER A 3 -13.14 -0.64 -7.34
C SER A 3 -11.73 -0.60 -7.95
N PHE A 4 -11.56 -0.03 -9.12
CA PHE A 4 -10.20 0.02 -9.74
C PHE A 4 -9.20 0.59 -8.72
N CYS A 5 -8.01 0.04 -8.66
CA CYS A 5 -7.00 0.53 -7.67
C CYS A 5 -5.71 0.93 -8.38
N LYS A 6 -4.81 1.58 -7.68
CA LYS A 6 -3.52 1.96 -8.31
C LYS A 6 -2.60 0.73 -8.35
N ALA A 7 -1.67 0.72 -9.26
CA ALA A 7 -0.75 -0.46 -9.38
C ALA A 7 0.59 -0.17 -8.70
N ASP A 8 1.46 -1.15 -8.70
CA ASP A 8 2.80 -0.96 -8.06
C ASP A 8 3.59 0.15 -8.77
N GLU A 9 4.77 0.47 -8.26
CA GLU A 9 5.62 1.55 -8.87
C GLU A 9 4.99 2.92 -8.59
N LYS A 10 3.79 3.16 -9.02
CA LYS A 10 3.12 4.48 -8.78
C LYS A 10 2.53 4.51 -7.37
N HYP A 11 3.16 5.27 -6.50
CA HYP A 11 2.73 5.34 -5.07
C HYP A 11 1.49 6.22 -4.89
O HYP A 11 0.81 6.60 -5.82
CB HYP A 11 3.92 5.98 -4.39
CG HYP A 11 4.63 6.77 -5.45
CD HYP A 11 4.33 6.11 -6.77
OD1 HYP A 11 4.21 8.14 -5.43
HA HYP A 11 2.57 4.36 -4.68
HB2 HYP A 11 3.59 6.63 -3.60
HB3 HYP A 11 4.58 5.22 -4.00
HG HYP A 11 5.69 6.71 -5.27
HD22 HYP A 11 5.17 5.52 -7.09
HD23 HYP A 11 4.10 6.86 -7.51
HD1 HYP A 11 4.45 8.56 -4.59
N CYS A 12 1.19 6.54 -3.64
CA CYS A 12 -0.01 7.40 -3.34
C CYS A 12 0.22 8.19 -2.05
N GLU A 13 -0.73 9.00 -1.66
CA GLU A 13 -0.58 9.78 -0.39
C GLU A 13 -0.94 8.88 0.81
N TYR A 14 -2.05 8.19 0.73
CA TYR A 14 -2.45 7.27 1.85
C TYR A 14 -1.80 5.90 1.64
N HIS A 15 -2.52 4.83 1.90
CA HIS A 15 -1.92 3.46 1.70
C HIS A 15 -2.90 2.52 0.96
N ALA A 16 -4.13 2.93 0.75
CA ALA A 16 -5.11 2.03 0.04
C ALA A 16 -5.26 2.40 -1.44
N ASP A 17 -4.59 3.44 -1.89
CA ASP A 17 -4.71 3.82 -3.33
C ASP A 17 -4.36 2.62 -4.23
N CYS A 18 -3.34 1.90 -3.87
CA CYS A 18 -2.95 0.70 -4.69
C CYS A 18 -3.64 -0.54 -4.11
N CYS A 19 -3.82 -1.57 -4.90
CA CYS A 19 -4.49 -2.81 -4.40
C CYS A 19 -3.76 -3.42 -3.20
N ASN A 20 -2.60 -2.92 -2.85
CA ASN A 20 -1.87 -3.50 -1.67
C ASN A 20 -1.30 -2.38 -0.80
N CYS A 21 -0.32 -1.66 -1.29
CA CYS A 21 0.28 -0.54 -0.50
C CYS A 21 0.87 0.52 -1.43
N CYS A 22 0.68 1.78 -1.11
CA CYS A 22 1.24 2.87 -1.96
C CYS A 22 2.01 3.87 -1.10
N LEU A 23 3.24 3.57 -0.77
CA LEU A 23 4.03 4.51 0.09
C LEU A 23 4.52 5.68 -0.77
N SER A 24 4.71 6.82 -0.17
CA SER A 24 5.17 8.03 -0.94
C SER A 24 6.30 7.66 -1.91
N GLY A 25 7.20 6.82 -1.50
CA GLY A 25 8.32 6.43 -2.40
C GLY A 25 7.78 5.70 -3.64
N ILE A 26 6.99 4.66 -3.44
CA ILE A 26 6.45 3.89 -4.62
C ILE A 26 5.37 2.90 -4.15
N CYS A 27 4.56 2.41 -5.06
CA CYS A 27 3.51 1.42 -4.65
C CYS A 27 4.12 0.01 -4.61
N ALA A 28 3.70 -0.79 -3.67
CA ALA A 28 4.26 -2.18 -3.56
C ALA A 28 3.15 -3.20 -3.26
N HYP A 29 3.47 -4.47 -3.41
CA HYP A 29 2.50 -5.55 -3.16
C HYP A 29 2.17 -5.67 -1.67
O HYP A 29 2.69 -4.96 -0.83
CB HYP A 29 3.21 -6.80 -3.68
CG HYP A 29 4.67 -6.48 -3.60
CD HYP A 29 4.79 -4.99 -3.82
OD1 HYP A 29 5.41 -7.22 -4.57
HA HYP A 29 1.59 -5.38 -3.74
HB2 HYP A 29 2.97 -7.65 -3.05
HB3 HYP A 29 2.92 -7.00 -4.70
HG HYP A 29 5.03 -6.71 -2.60
HD22 HYP A 29 4.96 -4.78 -4.86
HD23 HYP A 29 5.57 -4.58 -3.21
HD1 HYP A 29 6.29 -6.83 -4.68
N SER A 30 1.28 -6.58 -1.32
CA SER A 30 0.89 -6.76 0.12
C SER A 30 1.94 -7.58 0.87
N THR A 31 2.64 -8.45 0.19
CA THR A 31 3.67 -9.28 0.88
C THR A 31 4.94 -8.44 1.08
N ASN A 32 5.27 -8.14 2.30
CA ASN A 32 6.48 -7.31 2.58
C ASN A 32 7.46 -8.10 3.44
N TRP A 33 8.66 -7.59 3.61
CA TRP A 33 9.68 -8.30 4.45
C TRP A 33 10.31 -7.33 5.44
N ILE A 34 11.02 -6.35 4.95
CA ILE A 34 11.68 -5.35 5.85
C ILE A 34 11.29 -3.93 5.43
N LEU A 35 10.15 -3.78 4.82
CA LEU A 35 9.70 -2.42 4.37
C LEU A 35 8.47 -1.96 5.18
N PRO A 36 8.74 -1.34 6.31
CA PRO A 36 7.63 -0.84 7.17
C PRO A 36 7.08 0.48 6.62
N GLY A 37 6.01 0.97 7.20
CA GLY A 37 5.42 2.26 6.73
C GLY A 37 3.94 2.07 6.39
N CYS A 38 3.61 1.05 5.64
CA CYS A 38 2.18 0.79 5.27
C CYS A 38 1.42 0.19 6.46
N SER A 39 1.38 0.88 7.56
CA SER A 39 0.65 0.37 8.76
C SER A 39 -0.21 1.48 9.37
N THR A 40 -1.47 1.52 9.05
CA THR A 40 -2.38 2.58 9.62
C THR A 40 -2.69 2.28 11.08
N SER A 41 -2.46 3.24 11.96
CA SER A 41 -2.75 3.01 13.41
C SER A 41 -4.25 3.18 13.69
N SER A 42 -4.93 3.95 12.86
CA SER A 42 -6.39 4.16 13.07
C SER A 42 -7.15 2.86 12.77
N PHE A 43 -8.17 2.56 13.53
CA PHE A 43 -8.96 1.32 13.30
C PHE A 43 -10.43 1.64 12.99
N PHE A 44 -10.79 2.91 12.93
CA PHE A 44 -12.20 3.28 12.63
C PHE A 44 -12.25 4.68 12.00
N LYS A 45 -11.31 5.00 11.16
CA LYS A 45 -11.29 6.34 10.50
C LYS A 45 -10.39 6.32 9.25
N ILE A 46 -10.65 7.20 8.32
CA ILE A 46 -9.83 7.26 7.08
C ILE A 46 -8.55 8.06 7.32
N GLY A 1 -15.29 -6.53 -9.53
CA GLY A 1 -14.98 -7.33 -8.32
C GLY A 1 -14.81 -6.41 -7.12
N HYP A 2 -13.57 -6.20 -6.72
CA HYP A 2 -13.27 -5.31 -5.55
C HYP A 2 -13.57 -3.84 -5.88
O HYP A 2 -14.70 -3.39 -5.78
CB HYP A 2 -11.78 -5.55 -5.31
CG HYP A 2 -11.22 -5.99 -6.64
CD HYP A 2 -12.35 -6.74 -7.32
OD1 HYP A 2 -10.05 -6.80 -6.49
HA HYP A 2 -13.83 -5.63 -4.69
HB2 HYP A 2 -11.29 -4.64 -4.99
HB3 HYP A 2 -11.63 -6.33 -4.57
HG HYP A 2 -11.00 -5.11 -7.23
HD22 HYP A 2 -12.27 -7.80 -7.09
HD23 HYP A 2 -12.32 -6.58 -8.39
HD1 HYP A 2 -9.50 -6.69 -7.27
N SER A 3 -12.58 -3.06 -6.27
CA SER A 3 -12.82 -1.63 -6.59
C SER A 3 -11.67 -1.09 -7.47
N PHE A 4 -11.77 0.14 -7.91
CA PHE A 4 -10.68 0.72 -8.76
C PHE A 4 -9.46 1.06 -7.89
N CYS A 5 -8.36 0.40 -8.11
CA CYS A 5 -7.14 0.68 -7.28
C CYS A 5 -5.93 0.98 -8.19
N LYS A 6 -4.92 1.59 -7.62
CA LYS A 6 -3.70 1.93 -8.41
C LYS A 6 -2.78 0.71 -8.50
N ALA A 7 -1.81 0.76 -9.36
CA ALA A 7 -0.87 -0.41 -9.52
C ALA A 7 0.46 -0.15 -8.80
N ASP A 8 1.33 -1.13 -8.82
CA ASP A 8 2.66 -0.98 -8.15
C ASP A 8 3.48 0.15 -8.79
N GLU A 9 4.64 0.44 -8.23
CA GLU A 9 5.53 1.52 -8.78
C GLU A 9 4.94 2.91 -8.50
N LYS A 10 3.74 3.16 -8.93
CA LYS A 10 3.11 4.50 -8.67
C LYS A 10 2.53 4.53 -7.25
N HYP A 11 3.19 5.23 -6.37
CA HYP A 11 2.76 5.30 -4.95
C HYP A 11 1.52 6.17 -4.76
O HYP A 11 0.85 6.52 -5.71
CB HYP A 11 3.97 5.93 -4.26
CG HYP A 11 4.66 6.73 -5.31
CD HYP A 11 4.40 6.05 -6.62
OD1 HYP A 11 4.23 8.09 -5.31
HA HYP A 11 2.60 4.30 -4.56
HB2 HYP A 11 3.64 6.57 -3.45
HB3 HYP A 11 4.63 5.17 -3.87
HG HYP A 11 5.72 6.67 -5.11
HD22 HYP A 11 5.22 5.43 -6.89
HD23 HYP A 11 4.20 6.79 -7.39
HD1 HYP A 11 4.52 8.52 -4.50
N CYS A 12 1.19 6.49 -3.54
CA CYS A 12 -0.03 7.33 -3.31
C CYS A 12 0.14 8.24 -2.08
N GLU A 13 -0.92 8.95 -1.72
CA GLU A 13 -0.86 9.87 -0.54
C GLU A 13 -1.06 9.08 0.76
N TYR A 14 -1.96 8.14 0.75
CA TYR A 14 -2.26 7.35 1.99
C TYR A 14 -1.75 5.91 1.83
N HIS A 15 -2.59 4.92 2.02
CA HIS A 15 -2.11 3.51 1.89
C HIS A 15 -3.11 2.60 1.16
N ALA A 16 -4.26 3.10 0.77
CA ALA A 16 -5.26 2.22 0.06
C ALA A 16 -5.46 2.63 -1.40
N ASP A 17 -4.62 3.49 -1.92
CA ASP A 17 -4.77 3.92 -3.34
C ASP A 17 -4.42 2.76 -4.27
N CYS A 18 -3.41 2.00 -3.96
CA CYS A 18 -3.03 0.83 -4.81
C CYS A 18 -3.72 -0.44 -4.30
N CYS A 19 -3.70 -1.49 -5.06
CA CYS A 19 -4.34 -2.77 -4.59
C CYS A 19 -3.41 -3.49 -3.58
N ASN A 20 -2.58 -2.76 -2.88
CA ASN A 20 -1.64 -3.39 -1.90
C ASN A 20 -1.11 -2.30 -0.95
N CYS A 21 0.09 -1.80 -1.16
CA CYS A 21 0.62 -0.72 -0.26
C CYS A 21 1.23 0.42 -1.11
N CYS A 22 0.64 1.59 -1.09
CA CYS A 22 1.20 2.72 -1.92
C CYS A 22 2.00 3.69 -1.03
N LEU A 23 3.22 3.36 -0.70
CA LEU A 23 4.02 4.28 0.17
C LEU A 23 4.52 5.46 -0.64
N SER A 24 4.72 6.60 -0.01
CA SER A 24 5.20 7.82 -0.74
C SER A 24 6.35 7.46 -1.70
N GLY A 25 7.22 6.59 -1.30
CA GLY A 25 8.37 6.19 -2.18
C GLY A 25 7.85 5.50 -3.44
N ILE A 26 7.00 4.51 -3.29
CA ILE A 26 6.46 3.78 -4.49
C ILE A 26 5.36 2.80 -4.06
N CYS A 27 4.54 2.37 -4.99
CA CYS A 27 3.48 1.37 -4.63
C CYS A 27 4.07 -0.04 -4.67
N ALA A 28 3.85 -0.82 -3.64
CA ALA A 28 4.42 -2.20 -3.61
C ALA A 28 3.37 -3.21 -3.10
N HYP A 29 3.67 -4.48 -3.28
CA HYP A 29 2.75 -5.55 -2.83
C HYP A 29 2.75 -5.68 -1.30
O HYP A 29 3.58 -5.11 -0.61
CB HYP A 29 3.32 -6.81 -3.47
CG HYP A 29 4.77 -6.52 -3.69
CD HYP A 29 4.88 -5.02 -3.89
OD1 HYP A 29 5.28 -7.24 -4.81
HA HYP A 29 1.75 -5.37 -3.19
HB2 HYP A 29 3.21 -7.66 -2.80
HB3 HYP A 29 2.84 -7.01 -4.42
HG HYP A 29 5.32 -6.79 -2.79
HD22 HYP A 29 4.90 -4.79 -4.95
HD23 HYP A 29 5.77 -4.63 -3.40
HD1 HYP A 29 6.24 -7.13 -4.86
N SER A 30 1.81 -6.42 -0.76
CA SER A 30 1.75 -6.61 0.72
C SER A 30 2.49 -7.89 1.14
N THR A 31 3.35 -8.42 0.31
CA THR A 31 4.08 -9.67 0.68
C THR A 31 5.24 -9.33 1.61
N ASN A 32 4.95 -9.02 2.86
CA ASN A 32 6.04 -8.68 3.81
C ASN A 32 5.94 -9.57 5.06
N TRP A 33 6.93 -9.51 5.91
CA TRP A 33 6.91 -10.34 7.16
C TRP A 33 7.28 -9.47 8.36
N ILE A 34 8.47 -8.93 8.38
CA ILE A 34 8.87 -8.03 9.52
C ILE A 34 8.96 -6.58 8.99
N LEU A 35 8.42 -6.33 7.83
CA LEU A 35 8.47 -4.97 7.24
C LEU A 35 7.05 -4.39 7.13
N PRO A 36 6.90 -3.14 7.52
CA PRO A 36 5.57 -2.48 7.46
C PRO A 36 5.17 -2.19 6.00
N GLY A 37 4.00 -2.62 5.59
CA GLY A 37 3.58 -2.38 4.18
C GLY A 37 2.55 -1.25 4.12
N CYS A 38 1.38 -1.45 4.67
CA CYS A 38 0.35 -0.36 4.63
C CYS A 38 -0.87 -0.73 5.49
N SER A 39 -0.69 -0.89 6.78
CA SER A 39 -1.84 -1.25 7.67
C SER A 39 -2.53 0.03 8.18
N THR A 40 -2.84 0.95 7.31
CA THR A 40 -3.50 2.21 7.74
C THR A 40 -4.80 2.43 6.94
N SER A 41 -5.79 3.01 7.56
CA SER A 41 -7.08 3.26 6.84
C SER A 41 -6.97 4.51 5.95
N SER A 42 -8.04 4.93 5.34
CA SER A 42 -7.98 6.14 4.46
C SER A 42 -8.28 7.40 5.29
N PHE A 43 -9.50 7.59 5.72
CA PHE A 43 -9.84 8.79 6.53
C PHE A 43 -10.55 8.38 7.82
N PHE A 44 -10.01 7.42 8.53
CA PHE A 44 -10.67 6.96 9.80
C PHE A 44 -9.76 7.23 11.00
N LYS A 45 -9.53 8.48 11.31
CA LYS A 45 -8.67 8.82 12.48
C LYS A 45 -9.53 8.87 13.75
N ILE A 46 -8.92 8.98 14.90
CA ILE A 46 -9.70 9.03 16.17
C ILE A 46 -10.10 10.47 16.48
N GLY A 1 -11.82 7.27 -9.33
CA GLY A 1 -11.68 6.54 -10.62
C GLY A 1 -12.63 5.33 -10.62
N HYP A 2 -12.44 4.45 -11.56
CA HYP A 2 -13.29 3.24 -11.66
C HYP A 2 -12.97 2.28 -10.51
O HYP A 2 -12.06 2.54 -9.72
CB HYP A 2 -12.87 2.62 -12.99
CG HYP A 2 -11.48 3.11 -13.23
CD HYP A 2 -11.42 4.49 -12.63
OD1 HYP A 2 -11.16 3.13 -14.63
HA HYP A 2 -14.33 3.50 -11.67
HB2 HYP A 2 -12.89 1.54 -12.92
HB3 HYP A 2 -13.52 2.96 -13.78
HG HYP A 2 -10.78 2.47 -12.70
HD22 HYP A 2 -11.69 5.22 -13.37
HD23 HYP A 2 -10.45 4.68 -12.22
HD1 HYP A 2 -10.21 3.19 -14.74
N SER A 3 -13.67 1.19 -10.39
CA SER A 3 -13.39 0.22 -9.29
C SER A 3 -12.09 -0.55 -9.56
N PHE A 4 -11.01 0.16 -9.76
CA PHE A 4 -9.70 -0.51 -10.03
C PHE A 4 -8.60 0.17 -9.21
N CYS A 5 -8.02 -0.54 -8.28
CA CYS A 5 -6.94 0.06 -7.43
C CYS A 5 -5.72 0.40 -8.28
N LYS A 6 -4.87 1.28 -7.80
CA LYS A 6 -3.65 1.67 -8.58
C LYS A 6 -2.65 0.51 -8.56
N ALA A 7 -1.69 0.54 -9.43
CA ALA A 7 -0.69 -0.57 -9.48
C ALA A 7 0.53 -0.23 -8.63
N ASP A 8 1.48 -1.12 -8.58
CA ASP A 8 2.71 -0.87 -7.76
C ASP A 8 3.55 0.23 -8.44
N GLU A 9 4.73 0.49 -7.94
CA GLU A 9 5.63 1.57 -8.52
C GLU A 9 5.02 2.95 -8.28
N LYS A 10 3.81 3.18 -8.70
CA LYS A 10 3.15 4.52 -8.52
C LYS A 10 2.58 4.65 -7.10
N HYP A 11 3.28 5.41 -6.27
CA HYP A 11 2.86 5.58 -4.85
C HYP A 11 1.61 6.46 -4.71
O HYP A 11 1.02 6.87 -5.67
CB HYP A 11 4.06 6.28 -4.22
CG HYP A 11 4.73 6.99 -5.35
CD HYP A 11 4.50 6.15 -6.57
OD1 HYP A 11 4.23 8.32 -5.51
HA HYP A 11 2.71 4.63 -4.37
HB2 HYP A 11 3.74 6.98 -3.47
HB3 HYP A 11 4.74 5.56 -3.80
HG HYP A 11 5.80 7.02 -5.15
HD22 HYP A 11 5.33 5.47 -6.72
HD23 HYP A 11 4.36 6.78 -7.44
HD1 HYP A 11 3.30 8.28 -5.77
N CYS A 12 1.23 6.76 -3.49
CA CYS A 12 0.02 7.63 -3.26
C CYS A 12 0.19 8.48 -2.00
N GLU A 13 -0.86 9.13 -1.56
CA GLU A 13 -0.79 9.98 -0.32
C GLU A 13 -0.97 9.11 0.92
N TYR A 14 -2.02 8.33 0.96
CA TYR A 14 -2.27 7.44 2.14
C TYR A 14 -1.66 6.05 1.88
N HIS A 15 -2.43 5.00 2.03
CA HIS A 15 -1.88 3.64 1.78
C HIS A 15 -2.91 2.73 1.10
N ALA A 16 -4.01 3.27 0.61
CA ALA A 16 -5.03 2.39 -0.06
C ALA A 16 -5.21 2.76 -1.53
N ASP A 17 -4.38 3.62 -2.06
CA ASP A 17 -4.52 4.02 -3.50
C ASP A 17 -4.22 2.83 -4.42
N CYS A 18 -3.21 2.05 -4.11
CA CYS A 18 -2.86 0.88 -4.97
C CYS A 18 -3.53 -0.39 -4.46
N CYS A 19 -3.49 -1.45 -5.24
CA CYS A 19 -4.13 -2.73 -4.81
C CYS A 19 -3.47 -3.30 -3.53
N ASN A 20 -2.42 -2.68 -3.04
CA ASN A 20 -1.75 -3.21 -1.81
C ASN A 20 -1.29 -2.05 -0.92
N CYS A 21 -0.17 -1.44 -1.22
CA CYS A 21 0.32 -0.30 -0.38
C CYS A 21 0.93 0.79 -1.27
N CYS A 22 0.73 2.04 -0.94
CA CYS A 22 1.31 3.13 -1.77
C CYS A 22 2.08 4.12 -0.89
N LEU A 23 3.30 3.79 -0.54
CA LEU A 23 4.10 4.72 0.32
C LEU A 23 4.62 5.88 -0.52
N SER A 24 4.89 7.00 0.10
CA SER A 24 5.41 8.19 -0.66
C SER A 24 6.55 7.79 -1.58
N GLY A 25 7.37 6.86 -1.16
CA GLY A 25 8.50 6.41 -2.02
C GLY A 25 7.96 5.73 -3.28
N ILE A 26 7.09 4.76 -3.13
CA ILE A 26 6.53 4.04 -4.32
C ILE A 26 5.43 3.06 -3.87
N CYS A 27 4.61 2.61 -4.78
CA CYS A 27 3.55 1.61 -4.39
C CYS A 27 4.16 0.20 -4.38
N ALA A 28 3.83 -0.59 -3.38
CA ALA A 28 4.40 -1.97 -3.30
C ALA A 28 3.28 -3.02 -3.17
N HYP A 29 3.63 -4.25 -3.49
CA HYP A 29 2.66 -5.37 -3.43
C HYP A 29 2.25 -5.68 -1.97
O HYP A 29 2.89 -5.23 -1.04
CB HYP A 29 3.45 -6.55 -4.02
CG HYP A 29 4.87 -6.20 -3.77
CD HYP A 29 4.96 -4.71 -3.93
OD1 HYP A 29 5.75 -6.88 -4.69
HA HYP A 29 1.79 -5.16 -4.04
HB2 HYP A 29 3.19 -7.47 -3.51
HB3 HYP A 29 3.25 -6.64 -5.08
HG HYP A 29 5.13 -6.46 -2.77
HD22 HYP A 29 5.13 -4.44 -4.96
HD23 HYP A 29 5.74 -4.31 -3.30
HD1 HYP A 29 6.56 -7.13 -4.24
N SER A 30 1.21 -6.44 -1.79
CA SER A 30 0.76 -6.79 -0.40
C SER A 30 1.57 -7.97 0.15
N THR A 31 2.42 -8.57 -0.64
CA THR A 31 3.23 -9.72 -0.11
C THR A 31 4.39 -9.17 0.72
N ASN A 32 4.10 -8.69 1.88
CA ASN A 32 5.16 -8.13 2.76
C ASN A 32 4.87 -8.47 4.22
N TRP A 33 5.77 -8.15 5.10
CA TRP A 33 5.53 -8.47 6.54
C TRP A 33 5.86 -7.25 7.41
N ILE A 34 7.09 -6.79 7.39
CA ILE A 34 7.48 -5.61 8.23
C ILE A 34 8.14 -4.51 7.39
N LEU A 35 8.35 -4.73 6.12
CA LEU A 35 9.00 -3.68 5.27
C LEU A 35 8.10 -2.43 5.15
N PRO A 36 7.01 -2.56 4.43
CA PRO A 36 6.10 -1.39 4.26
C PRO A 36 5.25 -1.19 5.53
N GLY A 37 5.05 0.05 5.95
CA GLY A 37 4.22 0.29 7.17
C GLY A 37 2.74 0.05 6.83
N CYS A 38 2.38 -1.18 6.56
CA CYS A 38 0.96 -1.51 6.22
C CYS A 38 0.38 -2.44 7.29
N SER A 39 0.03 -1.92 8.43
CA SER A 39 -0.54 -2.76 9.52
C SER A 39 -2.05 -3.03 9.31
N THR A 40 -2.59 -2.69 8.17
CA THR A 40 -4.04 -2.95 7.93
C THR A 40 -4.25 -4.26 7.16
N SER A 41 -3.29 -4.65 6.34
CA SER A 41 -3.44 -5.92 5.56
C SER A 41 -3.23 -7.13 6.48
N SER A 42 -4.14 -7.38 7.39
CA SER A 42 -3.99 -8.55 8.31
C SER A 42 -4.36 -9.85 7.58
N PHE A 43 -3.61 -10.21 6.57
CA PHE A 43 -3.92 -11.46 5.82
C PHE A 43 -3.47 -12.68 6.62
N PHE A 44 -2.29 -12.64 7.17
CA PHE A 44 -1.78 -13.78 7.98
C PHE A 44 -1.55 -13.33 9.42
N LYS A 45 -2.05 -14.07 10.38
CA LYS A 45 -1.85 -13.69 11.81
C LYS A 45 -0.71 -14.52 12.41
N ILE A 46 -0.71 -14.71 13.71
CA ILE A 46 0.37 -15.50 14.37
C ILE A 46 -0.23 -16.71 15.10
N GLY A 1 -15.12 3.60 -3.86
CA GLY A 1 -14.30 3.68 -5.11
C GLY A 1 -14.81 2.65 -6.13
N HYP A 2 -14.32 2.77 -7.35
CA HYP A 2 -14.74 1.82 -8.42
C HYP A 2 -14.09 0.45 -8.24
O HYP A 2 -13.22 0.29 -7.41
CB HYP A 2 -14.20 2.49 -9.70
CG HYP A 2 -13.04 3.33 -9.24
CD HYP A 2 -13.34 3.75 -7.82
OD1 HYP A 2 -12.85 4.46 -10.10
HA HYP A 2 -15.81 1.75 -8.48
HB2 HYP A 2 -13.87 1.74 -10.41
HB3 HYP A 2 -14.96 3.12 -10.14
HG HYP A 2 -12.15 2.71 -9.24
HD22 HYP A 2 -13.77 4.74 -7.80
HD23 HYP A 2 -12.44 3.71 -7.22
HD1 HYP A 2 -12.16 5.03 -9.73
N SER A 3 -14.49 -0.52 -9.01
CA SER A 3 -13.88 -1.89 -8.88
C SER A 3 -12.47 -1.90 -9.51
N PHE A 4 -11.58 -1.10 -9.01
CA PHE A 4 -10.20 -1.05 -9.56
C PHE A 4 -9.24 -0.43 -8.53
N CYS A 5 -7.98 -0.34 -8.85
CA CYS A 5 -7.00 0.25 -7.88
C CYS A 5 -5.74 0.72 -8.61
N LYS A 6 -4.86 1.40 -7.92
CA LYS A 6 -3.61 1.86 -8.57
C LYS A 6 -2.61 0.68 -8.61
N ALA A 7 -1.67 0.72 -9.51
CA ALA A 7 -0.69 -0.41 -9.60
C ALA A 7 0.58 -0.11 -8.80
N ASP A 8 1.50 -1.04 -8.78
CA ASP A 8 2.77 -0.83 -8.03
C ASP A 8 3.60 0.28 -8.67
N GLU A 9 4.73 0.60 -8.09
CA GLU A 9 5.61 1.70 -8.64
C GLU A 9 4.98 3.08 -8.39
N LYS A 10 3.78 3.29 -8.86
CA LYS A 10 3.10 4.62 -8.64
C LYS A 10 2.55 4.68 -7.21
N HYP A 11 3.20 5.47 -6.38
CA HYP A 11 2.82 5.56 -4.94
C HYP A 11 1.57 6.43 -4.73
O HYP A 11 0.95 6.89 -5.66
CB HYP A 11 4.03 6.22 -4.31
CG HYP A 11 4.70 7.00 -5.40
CD HYP A 11 4.35 6.33 -6.70
OD1 HYP A 11 4.30 8.38 -5.39
HA HYP A 11 2.68 4.58 -4.53
HB2 HYP A 11 3.72 6.87 -3.51
HB3 HYP A 11 4.70 5.47 -3.94
HG HYP A 11 5.77 6.92 -5.26
HD22 HYP A 11 5.18 5.76 -7.06
HD23 HYP A 11 4.06 7.08 -7.43
HD1 HYP A 11 3.35 8.44 -5.61
N CYS A 12 1.21 6.65 -3.49
CA CYS A 12 0.01 7.49 -3.20
C CYS A 12 0.23 8.30 -1.91
N GLU A 13 -0.72 9.12 -1.53
CA GLU A 13 -0.57 9.93 -0.27
C GLU A 13 -0.93 9.08 0.96
N TYR A 14 -1.99 8.30 0.87
CA TYR A 14 -2.38 7.44 2.03
C TYR A 14 -1.71 6.06 1.88
N HIS A 15 -2.44 5.00 2.09
CA HIS A 15 -1.83 3.65 1.95
C HIS A 15 -2.83 2.65 1.35
N ALA A 16 -3.85 3.12 0.67
CA ALA A 16 -4.86 2.17 0.07
C ALA A 16 -5.13 2.51 -1.41
N ASP A 17 -4.42 3.45 -1.99
CA ASP A 17 -4.67 3.82 -3.42
C ASP A 17 -4.35 2.63 -4.34
N CYS A 18 -3.30 1.91 -4.06
CA CYS A 18 -2.94 0.73 -4.92
C CYS A 18 -3.63 -0.51 -4.37
N CYS A 19 -3.70 -1.57 -5.14
CA CYS A 19 -4.35 -2.83 -4.64
C CYS A 19 -3.64 -3.37 -3.39
N ASN A 20 -2.51 -2.81 -3.01
CA ASN A 20 -1.78 -3.30 -1.81
C ASN A 20 -1.30 -2.12 -0.95
N CYS A 21 -0.08 -1.67 -1.16
CA CYS A 21 0.43 -0.52 -0.35
C CYS A 21 0.98 0.57 -1.28
N CYS A 22 0.72 1.81 -0.99
CA CYS A 22 1.25 2.92 -1.86
C CYS A 22 2.03 3.91 -0.99
N LEU A 23 3.26 3.61 -0.67
CA LEU A 23 4.06 4.54 0.19
C LEU A 23 4.55 5.72 -0.64
N SER A 24 4.82 6.82 0.00
CA SER A 24 5.32 8.03 -0.73
C SER A 24 6.46 7.67 -1.67
N GLY A 25 7.30 6.74 -1.28
CA GLY A 25 8.44 6.34 -2.15
C GLY A 25 7.91 5.64 -3.41
N ILE A 26 7.03 4.66 -3.27
CA ILE A 26 6.49 3.94 -4.46
C ILE A 26 5.39 2.96 -4.02
N CYS A 27 4.57 2.51 -4.93
CA CYS A 27 3.50 1.52 -4.56
C CYS A 27 4.08 0.10 -4.56
N ALA A 28 3.69 -0.71 -3.61
CA ALA A 28 4.20 -2.11 -3.54
C ALA A 28 3.09 -3.08 -3.08
N HYP A 29 3.35 -4.35 -3.23
CA HYP A 29 2.36 -5.40 -2.83
C HYP A 29 2.22 -5.47 -1.30
O HYP A 29 3.03 -4.92 -0.58
CB HYP A 29 2.98 -6.70 -3.36
CG HYP A 29 4.44 -6.42 -3.45
CD HYP A 29 4.57 -4.96 -3.80
OD1 HYP A 29 5.08 -7.27 -4.40
HA HYP A 29 1.42 -5.23 -3.30
HB2 HYP A 29 2.77 -7.51 -2.68
HB3 HYP A 29 2.58 -6.92 -4.34
HG HYP A 29 4.87 -6.58 -2.46
HD22 HYP A 29 4.60 -4.82 -4.86
HD23 HYP A 29 5.46 -4.54 -3.33
HD1 HYP A 29 4.98 -6.89 -5.29
N SER A 30 1.21 -6.14 -0.81
CA SER A 30 1.01 -6.25 0.67
C SER A 30 1.46 -7.62 1.18
N THR A 31 2.14 -8.39 0.37
CA THR A 31 2.59 -9.74 0.83
C THR A 31 3.85 -9.59 1.70
N ASN A 32 3.71 -9.01 2.86
CA ASN A 32 4.90 -8.82 3.75
C ASN A 32 4.66 -9.54 5.08
N TRP A 33 5.70 -9.69 5.86
CA TRP A 33 5.57 -10.36 7.19
C TRP A 33 6.25 -9.48 8.24
N ILE A 34 7.55 -9.33 8.16
CA ILE A 34 8.26 -8.46 9.13
C ILE A 34 8.56 -7.09 8.49
N LEU A 35 8.41 -6.98 7.19
CA LEU A 35 8.67 -5.68 6.51
C LEU A 35 7.47 -4.75 6.69
N PRO A 36 7.75 -3.49 6.91
CA PRO A 36 6.66 -2.49 7.10
C PRO A 36 5.93 -2.22 5.77
N GLY A 37 4.75 -2.74 5.62
CA GLY A 37 3.98 -2.52 4.36
C GLY A 37 2.98 -1.38 4.57
N CYS A 38 1.71 -1.68 4.68
CA CYS A 38 0.71 -0.60 4.89
C CYS A 38 -0.45 -1.09 5.76
N SER A 39 -0.19 -1.97 6.69
CA SER A 39 -1.28 -2.48 7.59
C SER A 39 -1.65 -1.42 8.62
N THR A 40 -2.39 -0.42 8.22
CA THR A 40 -2.80 0.66 9.16
C THR A 40 -4.32 0.84 9.13
N SER A 41 -4.95 0.88 10.28
CA SER A 41 -6.44 1.05 10.32
C SER A 41 -6.87 1.65 11.66
N SER A 42 -7.96 2.37 11.67
CA SER A 42 -8.43 2.99 12.95
C SER A 42 -9.68 2.26 13.47
N PHE A 43 -9.48 1.21 14.22
CA PHE A 43 -10.64 0.43 14.76
C PHE A 43 -10.31 -0.14 16.15
N PHE A 44 -9.39 0.48 16.86
CA PHE A 44 -9.02 -0.04 18.22
C PHE A 44 -8.76 1.14 19.17
N LYS A 45 -7.97 0.93 20.20
CA LYS A 45 -7.65 2.03 21.16
C LYS A 45 -6.61 2.99 20.53
N ILE A 46 -6.09 3.91 21.30
CA ILE A 46 -5.07 4.85 20.75
C ILE A 46 -3.67 4.26 20.94
N GLY A 1 -5.43 -1.18 -16.45
CA GLY A 1 -5.91 -2.26 -15.55
C GLY A 1 -7.36 -1.98 -15.15
N HYP A 2 -8.19 -2.99 -15.23
CA HYP A 2 -9.62 -2.85 -14.86
C HYP A 2 -9.81 -2.78 -13.33
O HYP A 2 -10.84 -2.36 -12.85
CB HYP A 2 -10.27 -4.10 -15.43
CG HYP A 2 -9.17 -5.12 -15.52
CD HYP A 2 -7.88 -4.37 -15.66
OD1 HYP A 2 -9.38 -6.03 -16.61
HA HYP A 2 -10.04 -1.96 -15.32
HB2 HYP A 2 -11.06 -4.44 -14.77
HB3 HYP A 2 -10.66 -3.90 -16.42
HG HYP A 2 -9.14 -5.67 -14.59
HD22 HYP A 2 -7.56 -4.37 -16.69
HD23 HYP A 2 -7.11 -4.80 -15.03
HD1 HYP A 2 -9.76 -6.85 -16.27
N SER A 3 -8.83 -3.22 -12.58
CA SER A 3 -8.96 -3.21 -11.08
C SER A 3 -9.25 -1.78 -10.58
N PHE A 4 -10.13 -1.65 -9.62
CA PHE A 4 -10.44 -0.29 -9.07
C PHE A 4 -9.37 0.15 -8.07
N CYS A 5 -8.13 0.20 -8.50
CA CYS A 5 -7.03 0.63 -7.59
C CYS A 5 -5.77 0.95 -8.39
N LYS A 6 -4.88 1.74 -7.84
CA LYS A 6 -3.64 2.09 -8.58
C LYS A 6 -2.72 0.87 -8.63
N ALA A 7 -1.70 0.92 -9.46
CA ALA A 7 -0.78 -0.25 -9.58
C ALA A 7 0.52 0.01 -8.82
N ASP A 8 1.41 -0.97 -8.82
CA ASP A 8 2.71 -0.81 -8.10
C ASP A 8 3.55 0.28 -8.77
N GLU A 9 4.73 0.54 -8.25
CA GLU A 9 5.64 1.60 -8.82
C GLU A 9 5.09 3.00 -8.52
N LYS A 10 3.89 3.29 -8.92
CA LYS A 10 3.28 4.65 -8.65
C LYS A 10 2.76 4.71 -7.22
N HYP A 11 3.47 5.42 -6.37
CA HYP A 11 3.09 5.51 -4.93
C HYP A 11 1.90 6.45 -4.69
O HYP A 11 1.36 7.04 -5.60
CB HYP A 11 4.34 6.08 -4.28
CG HYP A 11 5.06 6.82 -5.36
CD HYP A 11 4.69 6.19 -6.67
OD1 HYP A 11 4.76 8.22 -5.35
HA HYP A 11 2.90 4.54 -4.53
HB2 HYP A 11 4.08 6.74 -3.49
HB3 HYP A 11 4.96 5.28 -3.92
HG HYP A 11 6.13 6.66 -5.21
HD22 HYP A 11 5.46 5.53 -7.00
HD23 HYP A 11 4.48 6.95 -7.40
HD1 HYP A 11 3.80 8.34 -5.35
N CYS A 12 1.51 6.60 -3.44
CA CYS A 12 0.37 7.51 -3.10
C CYS A 12 0.65 8.23 -1.77
N GLU A 13 -0.34 8.89 -1.22
CA GLU A 13 -0.13 9.60 0.08
C GLU A 13 -0.47 8.66 1.24
N TYR A 14 -1.55 7.93 1.14
CA TYR A 14 -1.95 7.00 2.23
C TYR A 14 -1.41 5.58 1.94
N HIS A 15 -2.25 4.56 2.00
CA HIS A 15 -1.75 3.18 1.72
C HIS A 15 -2.77 2.34 0.94
N ALA A 16 -3.91 2.90 0.55
CA ALA A 16 -4.91 2.08 -0.20
C ALA A 16 -5.05 2.52 -1.66
N ASP A 17 -4.39 3.58 -2.08
CA ASP A 17 -4.50 4.02 -3.50
C ASP A 17 -4.22 2.85 -4.45
N CYS A 18 -3.18 2.11 -4.20
CA CYS A 18 -2.84 0.96 -5.09
C CYS A 18 -3.57 -0.31 -4.62
N CYS A 19 -3.74 -1.27 -5.49
CA CYS A 19 -4.45 -2.54 -5.09
C CYS A 19 -3.79 -3.20 -3.87
N ASN A 20 -2.63 -2.76 -3.45
CA ASN A 20 -1.98 -3.38 -2.25
C ASN A 20 -1.50 -2.30 -1.28
N CYS A 21 -0.35 -1.71 -1.53
CA CYS A 21 0.14 -0.62 -0.61
C CYS A 21 0.82 0.47 -1.44
N CYS A 22 0.61 1.72 -1.10
CA CYS A 22 1.26 2.82 -1.90
C CYS A 22 2.04 3.77 -1.00
N LEU A 23 3.28 3.44 -0.70
CA LEU A 23 4.09 4.35 0.17
C LEU A 23 4.58 5.54 -0.65
N SER A 24 4.64 6.70 -0.06
CA SER A 24 5.08 7.92 -0.82
C SER A 24 6.28 7.63 -1.73
N GLY A 25 7.15 6.76 -1.31
CA GLY A 25 8.33 6.43 -2.15
C GLY A 25 7.85 5.71 -3.42
N ILE A 26 7.15 4.61 -3.27
CA ILE A 26 6.66 3.85 -4.47
C ILE A 26 5.50 2.92 -4.07
N CYS A 27 4.70 2.46 -5.01
CA CYS A 27 3.58 1.53 -4.67
C CYS A 27 4.09 0.09 -4.71
N ALA A 28 3.61 -0.73 -3.81
CA ALA A 28 4.06 -2.16 -3.77
C ALA A 28 2.95 -3.06 -3.20
N HYP A 29 3.26 -4.34 -3.06
CA HYP A 29 2.27 -5.29 -2.49
C HYP A 29 2.00 -4.97 -1.02
O HYP A 29 2.61 -4.08 -0.44
CB HYP A 29 2.99 -6.65 -2.61
CG HYP A 29 4.43 -6.31 -2.65
CD HYP A 29 4.52 -5.00 -3.41
OD1 HYP A 29 5.21 -7.33 -3.29
HA HYP A 29 1.36 -5.30 -3.07
HB2 HYP A 29 2.76 -7.27 -1.75
HB3 HYP A 29 2.69 -7.15 -3.52
HG HYP A 29 4.79 -6.15 -1.64
HD22 HYP A 29 4.58 -5.18 -4.47
HD23 HYP A 29 5.37 -4.42 -3.07
HD1 HYP A 29 6.11 -7.29 -2.94
N SER A 30 1.10 -5.69 -0.40
CA SER A 30 0.80 -5.44 1.05
C SER A 30 2.11 -5.48 1.84
N THR A 31 2.98 -6.41 1.52
CA THR A 31 4.29 -6.50 2.23
C THR A 31 5.27 -7.32 1.41
N ASN A 32 6.51 -7.33 1.81
CA ASN A 32 7.56 -8.13 1.11
C ASN A 32 8.33 -8.95 2.14
N TRP A 33 8.62 -8.33 3.26
CA TRP A 33 9.39 -9.01 4.36
C TRP A 33 9.17 -8.25 5.68
N ILE A 34 10.12 -7.46 6.12
CA ILE A 34 9.93 -6.71 7.41
C ILE A 34 9.93 -5.19 7.19
N LEU A 35 10.47 -4.74 6.09
CA LEU A 35 10.53 -3.26 5.81
C LEU A 35 9.13 -2.60 5.78
N PRO A 36 8.23 -3.16 4.99
CA PRO A 36 6.87 -2.56 4.90
C PRO A 36 6.03 -2.86 6.14
N GLY A 37 5.17 -1.95 6.50
CA GLY A 37 4.30 -2.18 7.69
C GLY A 37 2.85 -1.87 7.32
N CYS A 38 2.31 -2.58 6.35
CA CYS A 38 0.90 -2.30 5.94
C CYS A 38 -0.08 -2.92 6.94
N SER A 39 -0.20 -2.33 8.11
CA SER A 39 -1.14 -2.88 9.14
C SER A 39 -2.59 -2.54 8.73
N THR A 40 -3.42 -3.54 8.57
CA THR A 40 -4.83 -3.27 8.17
C THR A 40 -5.80 -3.69 9.27
N SER A 41 -5.97 -2.84 10.26
CA SER A 41 -6.90 -3.18 11.38
C SER A 41 -7.80 -1.97 11.69
N SER A 42 -8.88 -1.82 10.96
CA SER A 42 -9.78 -0.65 11.21
C SER A 42 -11.23 -1.13 11.32
N PHE A 43 -12.03 -0.48 12.13
CA PHE A 43 -13.47 -0.90 12.25
C PHE A 43 -14.34 -0.14 11.25
N PHE A 44 -13.92 1.03 10.85
CA PHE A 44 -14.71 1.84 9.87
C PHE A 44 -13.80 2.84 9.13
N LYS A 45 -12.63 2.43 8.74
CA LYS A 45 -11.69 3.34 8.03
C LYS A 45 -11.12 2.65 6.79
N ILE A 46 -10.66 3.41 5.83
CA ILE A 46 -10.08 2.80 4.59
C ILE A 46 -8.69 2.21 4.89
N GLY A 1 -16.42 -4.99 -2.47
CA GLY A 1 -16.97 -4.55 -3.78
C GLY A 1 -16.10 -5.10 -4.91
N HYP A 2 -16.22 -4.48 -6.07
CA HYP A 2 -15.43 -4.92 -7.25
C HYP A 2 -13.95 -4.59 -7.07
O HYP A 2 -13.58 -3.68 -6.35
CB HYP A 2 -16.04 -4.11 -8.39
CG HYP A 2 -16.64 -2.90 -7.75
CD HYP A 2 -17.07 -3.33 -6.37
OD1 HYP A 2 -17.73 -2.38 -8.50
HA HYP A 2 -15.58 -5.97 -7.43
HB2 HYP A 2 -15.27 -3.82 -9.10
HB3 HYP A 2 -16.81 -4.68 -8.89
HG HYP A 2 -15.87 -2.15 -7.65
HD22 HYP A 2 -18.11 -3.63 -6.39
HD23 HYP A 2 -16.92 -2.53 -5.66
HD1 HYP A 2 -18.40 -3.07 -8.64
N SER A 3 -13.09 -5.34 -7.73
CA SER A 3 -11.62 -5.08 -7.60
C SER A 3 -11.20 -3.88 -8.46
N PHE A 4 -10.65 -2.85 -7.84
CA PHE A 4 -10.22 -1.65 -8.63
C PHE A 4 -9.27 -0.78 -7.79
N CYS A 5 -8.07 -0.54 -8.27
CA CYS A 5 -7.09 0.29 -7.48
C CYS A 5 -5.83 0.59 -8.32
N LYS A 6 -4.91 1.33 -7.77
CA LYS A 6 -3.65 1.67 -8.52
C LYS A 6 -2.69 0.47 -8.50
N ALA A 7 -1.67 0.51 -9.32
CA ALA A 7 -0.69 -0.63 -9.38
C ALA A 7 0.60 -0.30 -8.62
N ASP A 8 1.53 -1.23 -8.64
CA ASP A 8 2.83 -1.02 -7.92
C ASP A 8 3.66 0.09 -8.59
N GLU A 9 4.78 0.43 -8.00
CA GLU A 9 5.67 1.51 -8.54
C GLU A 9 5.02 2.89 -8.36
N LYS A 10 3.87 3.09 -8.92
CA LYS A 10 3.17 4.41 -8.76
C LYS A 10 2.59 4.50 -7.35
N HYP A 11 3.21 5.31 -6.52
CA HYP A 11 2.79 5.44 -5.11
C HYP A 11 1.56 6.33 -4.92
O HYP A 11 0.94 6.77 -5.88
CB HYP A 11 4.00 6.05 -4.43
CG HYP A 11 4.73 6.79 -5.49
CD HYP A 11 4.34 6.20 -6.83
OD1 HYP A 11 4.44 8.19 -5.44
HA HYP A 11 2.60 4.46 -4.69
HB2 HYP A 11 3.69 6.72 -3.64
HB3 HYP A 11 4.62 5.27 -4.03
HG HYP A 11 5.79 6.63 -5.35
HD22 HYP A 11 5.15 5.63 -7.24
HD23 HYP A 11 4.03 6.98 -7.51
HD1 HYP A 11 4.71 8.53 -4.57
N CYS A 12 1.22 6.62 -3.70
CA CYS A 12 0.03 7.50 -3.42
C CYS A 12 0.27 8.34 -2.15
N GLU A 13 -0.72 9.08 -1.71
CA GLU A 13 -0.55 9.93 -0.48
C GLU A 13 -0.78 9.08 0.78
N TYR A 14 -1.77 8.23 0.77
CA TYR A 14 -2.05 7.37 1.98
C TYR A 14 -1.55 5.94 1.72
N HIS A 15 -2.38 4.93 1.92
CA HIS A 15 -1.93 3.53 1.68
C HIS A 15 -3.06 2.68 1.07
N ALA A 16 -4.15 3.26 0.66
CA ALA A 16 -5.26 2.44 0.06
C ALA A 16 -5.51 2.79 -1.40
N ASP A 17 -4.66 3.58 -2.01
CA ASP A 17 -4.86 3.95 -3.45
C ASP A 17 -4.45 2.79 -4.37
N CYS A 18 -3.43 2.06 -4.02
CA CYS A 18 -2.98 0.91 -4.87
C CYS A 18 -3.67 -0.38 -4.41
N CYS A 19 -3.52 -1.43 -5.17
CA CYS A 19 -4.16 -2.73 -4.78
C CYS A 19 -3.34 -3.42 -3.66
N ASN A 20 -2.52 -2.67 -2.95
CA ASN A 20 -1.67 -3.29 -1.88
C ASN A 20 -1.16 -2.19 -0.93
N CYS A 21 -0.03 -1.60 -1.24
CA CYS A 21 0.55 -0.53 -0.38
C CYS A 21 1.07 0.61 -1.27
N CYS A 22 0.65 1.83 -1.05
CA CYS A 22 1.17 2.95 -1.92
C CYS A 22 1.91 3.98 -1.07
N LEU A 23 3.14 3.70 -0.70
CA LEU A 23 3.90 4.70 0.13
C LEU A 23 4.37 5.83 -0.77
N SER A 24 4.55 7.00 -0.24
CA SER A 24 5.00 8.18 -1.06
C SER A 24 6.15 7.79 -1.98
N GLY A 25 7.06 6.98 -1.52
CA GLY A 25 8.22 6.57 -2.37
C GLY A 25 7.73 5.76 -3.57
N ILE A 26 6.94 4.74 -3.35
CA ILE A 26 6.45 3.90 -4.49
C ILE A 26 5.36 2.92 -4.02
N CYS A 27 4.56 2.40 -4.93
CA CYS A 27 3.51 1.41 -4.51
C CYS A 27 4.12 0.01 -4.45
N ALA A 28 3.74 -0.77 -3.47
CA ALA A 28 4.31 -2.14 -3.35
C ALA A 28 3.21 -3.13 -2.90
N HYP A 29 3.44 -4.39 -3.21
CA HYP A 29 2.47 -5.46 -2.84
C HYP A 29 2.40 -5.65 -1.31
O HYP A 29 3.37 -5.46 -0.62
CB HYP A 29 3.03 -6.71 -3.52
CG HYP A 29 4.48 -6.43 -3.67
CD HYP A 29 4.59 -4.94 -3.91
OD1 HYP A 29 5.07 -7.18 -4.73
HA HYP A 29 1.48 -5.23 -3.24
HB2 HYP A 29 2.86 -7.58 -2.90
HB3 HYP A 29 2.58 -6.85 -4.49
HG HYP A 29 4.98 -6.67 -2.73
HD22 HYP A 29 4.52 -4.73 -4.97
HD23 HYP A 29 5.52 -4.55 -3.49
HD1 HYP A 29 5.98 -6.91 -4.86
N SER A 30 1.27 -6.05 -0.81
CA SER A 30 1.14 -6.27 0.67
C SER A 30 1.37 -7.75 1.04
N THR A 31 1.76 -8.57 0.09
CA THR A 31 2.00 -10.00 0.42
C THR A 31 3.37 -10.14 1.09
N ASN A 32 3.46 -9.76 2.33
CA ASN A 32 4.76 -9.85 3.05
C ASN A 32 4.89 -11.21 3.76
N TRP A 33 5.87 -11.35 4.61
CA TRP A 33 6.07 -12.64 5.33
C TRP A 33 6.35 -12.35 6.81
N ILE A 34 7.45 -11.70 7.09
CA ILE A 34 7.77 -11.35 8.50
C ILE A 34 7.39 -9.89 8.76
N LEU A 35 7.57 -9.06 7.78
CA LEU A 35 7.21 -7.61 7.91
C LEU A 35 5.70 -7.47 8.12
N PRO A 36 5.33 -6.71 9.12
CA PRO A 36 3.89 -6.51 9.44
C PRO A 36 3.23 -5.58 8.40
N GLY A 37 3.18 -6.00 7.16
CA GLY A 37 2.55 -5.16 6.11
C GLY A 37 3.50 -4.01 5.72
N CYS A 38 2.95 -2.90 5.31
CA CYS A 38 3.82 -1.74 4.92
C CYS A 38 3.56 -0.57 5.86
N SER A 39 3.72 -0.76 7.13
CA SER A 39 3.48 0.34 8.12
C SER A 39 4.47 1.49 7.87
N THR A 40 3.99 2.69 7.73
CA THR A 40 4.91 3.85 7.48
C THR A 40 4.68 4.95 8.52
N SER A 41 4.13 4.62 9.67
CA SER A 41 3.89 5.65 10.72
C SER A 41 5.22 6.05 11.39
N SER A 42 6.11 6.65 10.65
CA SER A 42 7.42 7.07 11.23
C SER A 42 7.47 8.59 11.38
N PHE A 43 7.99 9.08 12.48
CA PHE A 43 8.06 10.56 12.68
C PHE A 43 9.24 11.12 11.87
N PHE A 44 9.01 11.35 10.60
CA PHE A 44 10.09 11.89 9.73
C PHE A 44 10.50 13.31 10.17
N LYS A 45 11.51 13.86 9.56
CA LYS A 45 11.96 15.23 9.95
C LYS A 45 11.61 16.26 8.85
N ILE A 46 12.14 17.44 8.97
CA ILE A 46 11.89 18.50 7.96
C ILE A 46 12.99 18.46 6.88
#